data_7SGG
#
_entry.id   7SGG
#
_cell.length_a   80.338
_cell.length_b   80.338
_cell.length_c   247.241
_cell.angle_alpha   90.000
_cell.angle_beta   90.000
_cell.angle_gamma   120.000
#
_symmetry.space_group_name_H-M   'P 31 2 1'
#
loop_
_entity.id
_entity.type
_entity.pdbx_description
1 polymer 'Polyamine deacetylase HDAC10'
2 non-polymer 'OCTANEDIOIC ACID HYDROXYAMIDE PHENYLAMIDE'
3 non-polymer DI(HYDROXYETHYL)ETHER
4 non-polymer 'ZINC ION'
5 non-polymer 'POTASSIUM ION'
6 non-polymer 'PHOSPHATE ION'
7 non-polymer 'SODIUM ION'
8 water water
#
_entity_poly.entity_id   1
_entity_poly.type   'polypeptide(L)'
_entity_poly.pdbx_seq_one_letter_code
;AASGSALIFDEEMSRYKLLWTDPECEIEVPERLTVSYEALRTHGLAQRCKAVPVRQATEQEILLAHSEEYLEAVKQTPGM
NVEELMAFSKKYNAVYFHQNIYHCAKLAAGATLQLVDSVMKREVRNGMALVRPPGHHSQRSAANGFCVFNNVAFAALYAK
KNYNLNRILIVDWDVHHGQGIQYCFEEDPSVLYFSWHRYEHQSFWPNLPESDYSSVGKGKGSGFNINLPWNKVGMTNSDY
LAAFFHVLLPVAYEFDPELVIVSAGFDSAIGDPEGEMCALPEIFAHLTHLLMPLAAGKMCVVLEGGYNLTSLGQSVCQTV
HSLLGDPTPRISGLGTACDSALESIQNVRNVQSSYWSSFKHLAQSETNPKRPRLDATNGGPKESSEPASESNPKKTAQDI
VWPEPLKRMPASVRTVVVPPPGVELTLPKNCQHSGDISESTAKEVQRIRDKHFHDLTDQNILRSLGNIISVLDRMMRSDE
VCNGCVVVSDLSVSVQCALQHALTEPAERVLVVYVGDGELPVKTNDGKVFLVQICTKETEDKCVNRLTLCLREGESLTAG
FMQALLGLILPVAYEFNPALVLGIVEETAAKTRLMRVWGHMTCLIQGLARGRMLTLLQGYDKDLLELTVSALSGASISPL
GPLRAPKPEDVEMMEKQRQRLQERWGLLRCTVSESW
;
_entity_poly.pdbx_strand_id   A
#
loop_
_chem_comp.id
_chem_comp.type
_chem_comp.name
_chem_comp.formula
K non-polymer 'POTASSIUM ION' 'K 1'
NA non-polymer 'SODIUM ION' 'Na 1'
PEG non-polymer DI(HYDROXYETHYL)ETHER 'C4 H10 O3'
PO4 non-polymer 'PHOSPHATE ION' 'O4 P -3'
SHH non-polymer 'OCTANEDIOIC ACID HYDROXYAMIDE PHENYLAMIDE' 'C14 H20 N2 O3'
ZN non-polymer 'ZINC ION' 'Zn 2'
#
# COMPACT_ATOMS: atom_id res chain seq x y z
N ALA A 1 17.45 9.20 -11.00
CA ALA A 1 16.29 8.72 -10.27
C ALA A 1 16.75 7.75 -9.19
N ALA A 2 16.10 7.79 -8.04
CA ALA A 2 16.61 7.09 -6.86
C ALA A 2 16.43 5.58 -6.98
N SER A 3 17.37 4.85 -6.40
CA SER A 3 17.32 3.40 -6.39
C SER A 3 17.72 2.92 -5.01
N GLY A 4 17.26 1.71 -4.64
CA GLY A 4 17.63 1.11 -3.39
C GLY A 4 16.70 1.46 -2.22
N SER A 5 16.87 0.72 -1.13
CA SER A 5 16.06 0.86 0.08
C SER A 5 16.99 0.97 1.27
N ALA A 6 16.83 2.01 2.06
CA ALA A 6 17.66 2.15 3.25
C ALA A 6 17.12 1.28 4.38
N LEU A 7 18.04 0.70 5.16
CA LEU A 7 17.70 0.00 6.38
C LEU A 7 18.54 0.61 7.50
N ILE A 8 17.89 1.25 8.45
CA ILE A 8 18.60 1.93 9.53
C ILE A 8 18.34 1.15 10.80
N PHE A 9 19.42 0.68 11.42
CA PHE A 9 19.31 -0.15 12.61
C PHE A 9 20.61 -0.01 13.38
N ASP A 10 20.53 -0.12 14.70
CA ASP A 10 21.72 -0.20 15.53
C ASP A 10 21.42 -0.97 16.79
N GLU A 11 22.30 -1.89 17.17
CA GLU A 11 21.99 -2.77 18.30
C GLU A 11 22.10 -2.02 19.62
N GLU A 12 22.62 -0.79 19.62
CA GLU A 12 22.58 0.00 20.84
C GLU A 12 21.15 0.22 21.34
N MET A 13 20.18 0.32 20.43
CA MET A 13 18.81 0.55 20.84
C MET A 13 18.18 -0.67 21.52
N SER A 14 18.81 -1.84 21.48
CA SER A 14 18.36 -2.93 22.32
C SER A 14 18.97 -2.91 23.72
N ARG A 15 19.71 -1.86 24.08
CA ARG A 15 20.42 -1.90 25.34
C ARG A 15 19.77 -1.00 26.39
N TYR A 16 18.45 -1.16 26.52
CA TYR A 16 17.71 -0.67 27.67
C TYR A 16 16.51 -1.60 27.80
N LYS A 17 16.02 -1.76 29.03
CA LYS A 17 14.95 -2.70 29.30
C LYS A 17 14.29 -2.33 30.63
N LEU A 18 13.21 -3.02 30.94
CA LEU A 18 12.48 -2.81 32.18
C LEU A 18 13.21 -3.47 33.35
N LEU A 19 13.41 -2.72 34.43
CA LEU A 19 14.23 -3.17 35.56
C LEU A 19 13.43 -3.48 36.83
N TRP A 20 12.10 -3.41 36.79
CA TRP A 20 11.26 -3.75 37.93
C TRP A 20 10.00 -4.43 37.42
N THR A 21 9.22 -4.98 38.35
CA THR A 21 8.00 -5.71 37.99
C THR A 21 6.91 -4.75 37.54
N ASP A 22 6.38 -4.99 36.36
CA ASP A 22 5.31 -4.15 35.83
C ASP A 22 4.66 -4.93 34.70
N PRO A 23 3.60 -5.68 34.99
CA PRO A 23 2.96 -6.49 33.93
C PRO A 23 2.50 -5.66 32.74
N GLU A 24 2.28 -4.37 32.94
CA GLU A 24 1.82 -3.52 31.85
C GLU A 24 2.93 -3.23 30.85
N CYS A 25 4.18 -3.17 31.30
CA CYS A 25 5.30 -2.79 30.44
C CYS A 25 6.17 -3.95 29.99
N GLU A 26 6.00 -5.14 30.59
CA GLU A 26 6.94 -6.21 30.37
C GLU A 26 6.95 -6.73 28.93
N ILE A 27 5.97 -6.36 28.09
CA ILE A 27 5.97 -6.82 26.71
C ILE A 27 7.01 -6.11 25.84
N GLU A 28 7.43 -4.91 26.22
CA GLU A 28 8.29 -4.10 25.35
C GLU A 28 9.74 -4.46 25.65
N VAL A 29 10.32 -5.33 24.82
CA VAL A 29 11.60 -5.95 25.17
C VAL A 29 12.68 -5.63 24.14
N PRO A 30 13.96 -5.66 24.54
CA PRO A 30 15.06 -5.52 23.57
C PRO A 30 14.94 -6.45 22.39
N GLU A 31 14.47 -7.69 22.63
CA GLU A 31 14.47 -8.73 21.60
C GLU A 31 13.58 -8.38 20.42
N ARG A 32 12.67 -7.42 20.56
CA ARG A 32 11.87 -6.97 19.42
C ARG A 32 12.77 -6.50 18.29
N LEU A 33 13.79 -5.73 18.62
CA LEU A 33 14.75 -5.25 17.63
C LEU A 33 15.61 -6.41 17.12
N THR A 34 16.19 -7.18 18.05
CA THR A 34 17.05 -8.31 17.70
C THR A 34 16.37 -9.25 16.73
N VAL A 35 15.17 -9.70 17.09
CA VAL A 35 14.43 -10.67 16.27
C VAL A 35 14.09 -10.09 14.91
N SER A 36 13.76 -8.79 14.83
CA SER A 36 13.40 -8.21 13.54
C SER A 36 14.61 -8.11 12.61
N TYR A 37 15.73 -7.60 13.11
CA TYR A 37 16.92 -7.51 12.26
C TYR A 37 17.37 -8.90 11.81
N GLU A 38 17.41 -9.85 12.74
CA GLU A 38 17.86 -11.19 12.40
C GLU A 38 16.90 -11.90 11.45
N ALA A 39 15.60 -11.60 11.51
CA ALA A 39 14.69 -12.13 10.50
C ALA A 39 14.99 -11.54 9.13
N LEU A 40 15.33 -10.25 9.09
CA LEU A 40 15.73 -9.62 7.83
C LEU A 40 17.02 -10.25 7.30
N ARG A 41 17.96 -10.57 8.19
CA ARG A 41 19.22 -11.20 7.77
C ARG A 41 18.97 -12.63 7.30
N THR A 42 18.21 -13.42 8.09
CA THR A 42 17.88 -14.79 7.72
C THR A 42 17.33 -14.89 6.30
N HIS A 43 16.50 -13.93 5.90
CA HIS A 43 15.83 -13.96 4.61
C HIS A 43 16.59 -13.22 3.52
N GLY A 44 17.83 -12.79 3.78
CA GLY A 44 18.61 -12.11 2.76
C GLY A 44 18.19 -10.68 2.48
N LEU A 45 17.36 -10.09 3.34
CA LEU A 45 16.79 -8.78 3.00
C LEU A 45 17.66 -7.64 3.50
N ALA A 46 18.19 -7.75 4.71
CA ALA A 46 19.11 -6.74 5.21
C ALA A 46 20.29 -6.58 4.26
N GLN A 47 20.82 -7.70 3.74
CA GLN A 47 21.96 -7.66 2.82
C GLN A 47 21.64 -6.89 1.54
N ARG A 48 20.36 -6.80 1.16
CA ARG A 48 19.99 -6.06 -0.06
C ARG A 48 19.64 -4.59 0.19
N CYS A 49 19.62 -4.13 1.45
CA CYS A 49 19.38 -2.73 1.76
C CYS A 49 20.66 -1.96 2.00
N LYS A 50 20.60 -0.66 1.72
CA LYS A 50 21.69 0.24 2.03
C LYS A 50 21.68 0.52 3.54
N ALA A 51 22.68 0.01 4.23
CA ALA A 51 22.78 0.28 5.65
C ALA A 51 23.18 1.74 5.83
N VAL A 52 22.37 2.48 6.56
CA VAL A 52 22.60 3.88 6.87
C VAL A 52 22.77 3.97 8.38
N PRO A 53 23.82 4.62 8.89
CA PRO A 53 24.06 4.59 10.33
C PRO A 53 23.06 5.45 11.08
N VAL A 54 22.82 5.09 12.33
CA VAL A 54 22.04 5.95 13.20
C VAL A 54 22.90 7.14 13.62
N ARG A 55 22.24 8.17 14.15
CA ARG A 55 22.90 9.29 14.80
C ARG A 55 22.01 9.74 15.95
N GLN A 56 22.52 10.64 16.78
CA GLN A 56 21.68 11.24 17.81
C GLN A 56 20.91 12.39 17.18
N ALA A 57 19.63 12.50 17.54
CA ALA A 57 18.92 13.74 17.29
C ALA A 57 19.51 14.82 18.18
N THR A 58 19.69 16.01 17.62
CA THR A 58 20.24 17.11 18.40
C THR A 58 19.18 17.68 19.34
N GLU A 59 19.64 18.51 20.28
CA GLU A 59 18.70 19.19 21.16
C GLU A 59 17.73 20.06 20.36
N GLN A 60 18.25 20.77 19.36
CA GLN A 60 17.40 21.62 18.53
C GLN A 60 16.35 20.81 17.79
N GLU A 61 16.72 19.61 17.31
CA GLU A 61 15.76 18.76 16.63
C GLU A 61 14.70 18.22 17.58
N ILE A 62 15.09 17.89 18.82
CA ILE A 62 14.11 17.43 19.80
C ILE A 62 13.10 18.53 20.09
N LEU A 63 13.56 19.77 20.24
CA LEU A 63 12.69 20.89 20.56
C LEU A 63 11.70 21.23 19.44
N LEU A 64 11.81 20.60 18.26
CA LEU A 64 10.79 20.80 17.24
C LEU A 64 9.45 20.26 17.68
N ALA A 65 9.44 19.25 18.55
CA ALA A 65 8.22 18.57 18.96
C ALA A 65 8.03 18.52 20.46
N HIS A 66 9.06 18.82 21.25
CA HIS A 66 8.95 18.69 22.69
C HIS A 66 9.37 19.98 23.37
N SER A 67 8.92 20.16 24.62
CA SER A 67 9.20 21.37 25.38
C SER A 67 10.56 21.23 26.06
N GLU A 68 11.15 22.39 26.37
CA GLU A 68 12.43 22.40 27.07
C GLU A 68 12.31 21.73 28.43
N GLU A 69 11.18 21.96 29.11
CA GLU A 69 10.97 21.39 30.43
C GLU A 69 11.00 19.87 30.39
N TYR A 70 10.36 19.29 29.39
CA TYR A 70 10.28 17.83 29.33
C TYR A 70 11.63 17.24 28.92
N LEU A 71 12.29 17.85 27.93
CA LEU A 71 13.63 17.41 27.55
C LEU A 71 14.60 17.48 28.72
N GLU A 72 14.63 18.62 29.42
CA GLU A 72 15.50 18.76 30.59
C GLU A 72 15.22 17.68 31.64
N ALA A 73 13.95 17.34 31.86
CA ALA A 73 13.67 16.29 32.83
C ALA A 73 14.14 14.92 32.33
N VAL A 74 13.93 14.63 31.06
CA VAL A 74 14.39 13.35 30.52
C VAL A 74 15.92 13.28 30.50
N LYS A 75 16.58 14.42 30.28
CA LYS A 75 18.04 14.49 30.24
C LYS A 75 18.69 14.11 31.57
N GLN A 76 17.93 14.09 32.66
CA GLN A 76 18.45 13.71 33.97
C GLN A 76 18.36 12.22 34.24
N THR A 77 17.59 11.46 33.44
CA THR A 77 17.40 10.05 33.78
C THR A 77 18.67 9.21 33.67
N PRO A 78 19.67 9.54 32.84
CA PRO A 78 20.90 8.72 32.86
C PRO A 78 21.61 8.73 34.20
N GLY A 79 21.49 9.80 34.99
CA GLY A 79 22.07 9.85 36.30
C GLY A 79 21.25 9.24 37.42
N MET A 80 20.12 8.60 37.13
CA MET A 80 19.21 8.14 38.16
C MET A 80 19.43 6.67 38.50
N ASN A 81 19.30 6.33 39.78
CA ASN A 81 19.30 4.91 40.13
C ASN A 81 17.92 4.31 39.87
N VAL A 82 17.76 3.03 40.23
CA VAL A 82 16.55 2.31 39.86
C VAL A 82 15.33 2.88 40.59
N GLU A 83 15.47 3.13 41.90
CA GLU A 83 14.38 3.75 42.65
C GLU A 83 13.97 5.08 42.04
N GLU A 84 14.94 5.90 41.65
CA GLU A 84 14.60 7.19 41.06
C GLU A 84 13.98 7.03 39.69
N LEU A 85 14.41 6.03 38.92
CA LEU A 85 13.82 5.79 37.60
C LEU A 85 12.38 5.32 37.74
N MET A 86 12.10 4.53 38.78
CA MET A 86 10.74 4.09 39.06
C MET A 86 9.84 5.28 39.38
N ALA A 87 10.28 6.14 40.32
CA ALA A 87 9.51 7.33 40.66
C ALA A 87 9.25 8.19 39.44
N PHE A 88 10.26 8.37 38.58
CA PHE A 88 10.08 9.19 37.39
C PHE A 88 9.13 8.53 36.41
N SER A 89 9.19 7.19 36.28
CA SER A 89 8.32 6.49 35.35
C SER A 89 6.85 6.65 35.75
N LYS A 90 6.58 6.58 37.06
CA LYS A 90 5.23 6.65 37.62
C LYS A 90 4.53 7.97 37.34
N LYS A 91 5.28 9.02 36.97
CA LYS A 91 4.67 10.28 36.54
C LYS A 91 3.97 10.18 35.19
N TYR A 92 4.14 9.08 34.48
CA TYR A 92 3.61 8.97 33.14
C TYR A 92 2.80 7.69 33.06
N ASN A 93 2.06 7.55 31.97
CA ASN A 93 1.19 6.39 31.76
C ASN A 93 1.85 5.34 30.86
N ALA A 94 2.01 4.12 31.40
CA ALA A 94 2.48 2.96 30.63
C ALA A 94 3.84 3.21 29.97
N VAL A 95 4.81 3.65 30.77
CA VAL A 95 6.15 3.88 30.23
C VAL A 95 7.14 3.64 31.36
N TYR A 96 8.30 3.09 31.01
CA TYR A 96 9.37 2.84 31.96
C TYR A 96 10.66 3.47 31.44
N PHE A 97 11.52 3.87 32.36
CA PHE A 97 12.78 4.52 32.06
C PHE A 97 13.93 3.65 32.54
N HIS A 98 15.11 3.91 31.98
CA HIS A 98 16.31 3.10 32.19
C HIS A 98 17.49 4.05 31.97
N GLN A 99 18.62 3.76 32.63
CA GLN A 99 19.77 4.66 32.53
CA GLN A 99 19.78 4.66 32.53
C GLN A 99 20.13 4.98 31.09
N ASN A 100 19.87 4.04 30.17
CA ASN A 100 20.28 4.23 28.77
C ASN A 100 19.14 4.62 27.83
N ILE A 101 17.91 4.85 28.35
CA ILE A 101 16.80 5.06 27.43
C ILE A 101 16.84 6.45 26.81
N TYR A 102 17.33 7.45 27.54
CA TYR A 102 17.50 8.78 26.93
C TYR A 102 18.43 8.70 25.71
N HIS A 103 19.60 8.07 25.88
CA HIS A 103 20.52 7.82 24.77
C HIS A 103 19.79 7.11 23.62
N CYS A 104 19.08 6.03 23.94
CA CYS A 104 18.42 5.27 22.87
C CYS A 104 17.30 6.09 22.22
N ALA A 105 16.59 6.89 23.02
CA ALA A 105 15.55 7.74 22.44
C ALA A 105 16.14 8.73 21.46
N LYS A 106 17.33 9.27 21.76
CA LYS A 106 17.94 10.18 20.79
C LYS A 106 18.37 9.44 19.54
N LEU A 107 18.77 8.16 19.67
CA LEU A 107 19.14 7.37 18.48
C LEU A 107 17.93 7.00 17.64
N ALA A 108 16.82 6.60 18.27
CA ALA A 108 15.60 6.28 17.51
C ALA A 108 15.15 7.49 16.71
N ALA A 109 15.18 8.66 17.34
CA ALA A 109 14.83 9.89 16.65
C ALA A 109 15.85 10.23 15.57
N GLY A 110 17.14 10.13 15.87
CA GLY A 110 18.14 10.42 14.84
C GLY A 110 18.09 9.45 13.68
N ALA A 111 17.86 8.17 13.98
CA ALA A 111 17.70 7.20 12.90
C ALA A 111 16.59 7.60 11.94
N THR A 112 15.43 7.99 12.50
CA THR A 112 14.33 8.45 11.66
C THR A 112 14.75 9.64 10.80
N LEU A 113 15.46 10.60 11.38
CA LEU A 113 15.91 11.75 10.58
C LEU A 113 16.92 11.32 9.51
N GLN A 114 17.83 10.41 9.86
CA GLN A 114 18.70 9.80 8.83
C GLN A 114 17.88 9.22 7.68
N LEU A 115 16.78 8.53 8.01
CA LEU A 115 15.96 7.93 6.96
C LEU A 115 15.31 9.01 6.10
N VAL A 116 14.79 10.07 6.71
CA VAL A 116 14.19 11.15 5.93
C VAL A 116 15.21 11.78 4.99
N ASP A 117 16.41 12.07 5.52
CA ASP A 117 17.45 12.66 4.68
C ASP A 117 17.80 11.74 3.50
N SER A 118 18.03 10.46 3.76
CA SER A 118 18.41 9.56 2.67
C SER A 118 17.35 9.54 1.58
N VAL A 119 16.07 9.50 1.99
CA VAL A 119 15.00 9.47 1.00
C VAL A 119 14.88 10.81 0.30
N MET A 120 14.87 11.91 1.06
CA MET A 120 14.60 13.23 0.48
C MET A 120 15.77 13.72 -0.35
N LYS A 121 16.98 13.26 -0.07
CA LYS A 121 18.14 13.57 -0.90
C LYS A 121 18.25 12.66 -2.12
N ARG A 122 17.28 11.75 -2.29
CA ARG A 122 17.25 10.77 -3.37
C ARG A 122 18.44 9.82 -3.34
N GLU A 123 19.07 9.63 -2.18
CA GLU A 123 20.11 8.60 -2.07
C GLU A 123 19.51 7.20 -2.15
N VAL A 124 18.27 7.05 -1.67
CA VAL A 124 17.52 5.80 -1.77
C VAL A 124 16.10 6.14 -2.19
N ARG A 125 15.39 5.13 -2.69
CA ARG A 125 13.99 5.33 -3.05
C ARG A 125 13.10 5.41 -1.81
N ASN A 126 13.39 4.62 -0.79
CA ASN A 126 12.51 4.43 0.36
C ASN A 126 13.37 3.77 1.42
N GLY A 127 12.76 3.48 2.56
CA GLY A 127 13.53 2.74 3.56
C GLY A 127 12.73 2.50 4.82
N MET A 128 13.39 1.85 5.77
CA MET A 128 12.81 1.45 7.04
C MET A 128 13.83 1.67 8.15
N ALA A 129 13.37 2.25 9.26
CA ALA A 129 14.15 2.40 10.47
C ALA A 129 13.60 1.47 11.54
N LEU A 130 14.45 0.57 12.04
CA LEU A 130 14.11 -0.35 13.12
C LEU A 130 14.63 0.26 14.41
N VAL A 131 13.73 0.84 15.20
CA VAL A 131 14.13 1.68 16.33
C VAL A 131 13.37 1.25 17.57
N ARG A 132 13.97 1.55 18.72
CA ARG A 132 13.44 1.45 20.07
C ARG A 132 14.05 2.64 20.79
N PRO A 133 13.27 3.38 21.61
CA PRO A 133 11.84 3.17 21.92
C PRO A 133 10.94 3.67 20.80
N PRO A 134 9.71 3.19 20.75
CA PRO A 134 8.74 3.73 19.79
C PRO A 134 8.41 5.18 20.11
N GLY A 135 7.61 5.80 19.25
CA GLY A 135 7.39 7.22 19.45
C GLY A 135 5.96 7.75 19.40
N HIS A 136 5.01 7.03 18.78
CA HIS A 136 3.79 7.72 18.34
C HIS A 136 2.87 8.14 19.50
N HIS A 137 3.08 7.63 20.71
CA HIS A 137 2.32 8.10 21.86
C HIS A 137 2.93 9.29 22.57
N SER A 138 4.21 9.62 22.34
CA SER A 138 4.80 10.65 23.18
C SER A 138 4.31 12.03 22.75
N GLN A 139 4.30 12.95 23.70
CA GLN A 139 3.66 14.23 23.52
C GLN A 139 4.65 15.33 23.84
N ARG A 140 4.22 16.57 23.60
N ARG A 140 4.23 16.58 23.60
CA ARG A 140 5.08 17.73 23.76
CA ARG A 140 5.13 17.72 23.77
C ARG A 140 5.81 17.69 25.10
C ARG A 140 5.84 17.66 25.12
N SER A 141 5.11 17.33 26.19
CA SER A 141 5.70 17.33 27.53
C SER A 141 5.43 16.04 28.28
N ALA A 142 5.28 14.91 27.58
CA ALA A 142 5.03 13.67 28.30
C ALA A 142 5.53 12.46 27.53
N ALA A 143 6.17 11.55 28.24
CA ALA A 143 6.34 10.18 27.76
C ALA A 143 5.04 9.41 27.96
N ASN A 144 4.82 8.40 27.13
CA ASN A 144 3.53 7.72 27.14
C ASN A 144 3.63 6.44 26.33
N GLY A 145 3.09 5.36 26.87
CA GLY A 145 2.93 4.14 26.09
C GLY A 145 4.24 3.63 25.49
N PHE A 146 5.28 3.48 26.31
CA PHE A 146 6.63 3.05 25.95
C PHE A 146 7.38 4.07 25.11
N CYS A 147 6.76 5.20 24.73
CA CYS A 147 7.38 6.21 23.88
C CYS A 147 7.99 7.35 24.69
N VAL A 148 9.22 7.75 24.35
CA VAL A 148 9.87 8.88 25.00
C VAL A 148 9.80 10.15 24.16
N PHE A 149 10.22 10.07 22.90
CA PHE A 149 10.15 11.19 21.97
C PHE A 149 9.39 10.72 20.73
N ASN A 150 8.74 11.66 20.05
CA ASN A 150 7.86 11.26 18.95
C ASN A 150 8.62 11.21 17.63
N ASN A 151 9.17 10.02 17.36
CA ASN A 151 10.05 9.80 16.20
C ASN A 151 9.40 10.23 14.90
N VAL A 152 8.14 9.84 14.69
CA VAL A 152 7.50 10.15 13.42
C VAL A 152 7.09 11.60 13.34
N ALA A 153 6.69 12.22 14.46
CA ALA A 153 6.41 13.64 14.43
C ALA A 153 7.68 14.43 14.08
N PHE A 154 8.82 14.04 14.64
CA PHE A 154 10.10 14.63 14.25
C PHE A 154 10.30 14.60 12.75
N ALA A 155 10.09 13.43 12.14
CA ALA A 155 10.36 13.26 10.72
C ALA A 155 9.55 14.22 9.87
N ALA A 156 8.27 14.39 10.19
CA ALA A 156 7.46 15.31 9.39
C ALA A 156 7.83 16.76 9.65
N LEU A 157 8.08 17.13 10.91
CA LEU A 157 8.49 18.49 11.22
C LEU A 157 9.83 18.83 10.57
N TYR A 158 10.79 17.91 10.69
CA TYR A 158 12.11 18.06 10.06
C TYR A 158 12.01 18.12 8.54
N ALA A 159 11.18 17.25 7.94
CA ALA A 159 11.01 17.31 6.48
C ALA A 159 10.36 18.61 6.05
N LYS A 160 9.43 19.14 6.86
CA LYS A 160 8.83 20.44 6.58
C LYS A 160 9.89 21.54 6.60
N LYS A 161 10.73 21.54 7.65
CA LYS A 161 11.65 22.65 7.87
C LYS A 161 12.79 22.62 6.88
N ASN A 162 13.37 21.45 6.62
CA ASN A 162 14.60 21.35 5.85
C ASN A 162 14.39 21.06 4.38
N TYR A 163 13.19 20.62 3.98
CA TYR A 163 12.92 20.39 2.57
C TYR A 163 11.71 21.18 2.08
N ASN A 164 11.14 22.04 2.93
CA ASN A 164 10.06 22.95 2.53
C ASN A 164 8.86 22.19 1.95
N LEU A 165 8.57 21.02 2.51
CA LEU A 165 7.44 20.24 2.01
C LEU A 165 6.14 20.87 2.44
N ASN A 166 5.13 20.81 1.57
CA ASN A 166 3.80 21.33 1.88
C ASN A 166 2.79 20.26 2.25
N ARG A 167 3.01 19.00 1.85
CA ARG A 167 2.04 17.93 2.08
C ARG A 167 2.79 16.68 2.49
N ILE A 168 2.53 16.21 3.71
CA ILE A 168 3.12 14.99 4.24
C ILE A 168 2.00 14.09 4.74
N LEU A 169 2.00 12.83 4.29
CA LEU A 169 1.07 11.81 4.80
C LEU A 169 1.76 10.97 5.85
N ILE A 170 1.13 10.84 7.02
CA ILE A 170 1.54 9.89 8.05
C ILE A 170 0.46 8.82 8.16
N VAL A 171 0.84 7.56 7.93
CA VAL A 171 -0.03 6.39 8.06
C VAL A 171 0.41 5.62 9.30
N ASP A 172 -0.50 5.47 10.28
CA ASP A 172 -0.20 4.80 11.54
C ASP A 172 -1.03 3.52 11.57
N TRP A 173 -0.41 2.41 11.19
CA TRP A 173 -1.11 1.14 11.17
C TRP A 173 -0.77 0.28 12.37
N ASP A 174 -0.04 0.83 13.33
CA ASP A 174 0.04 0.26 14.66
C ASP A 174 -1.37 0.03 15.18
N VAL A 175 -1.53 -0.93 16.09
CA VAL A 175 -2.87 -1.22 16.59
C VAL A 175 -3.35 -0.21 17.62
N HIS A 176 -2.46 0.62 18.17
CA HIS A 176 -2.84 1.65 19.12
C HIS A 176 -2.95 2.99 18.42
N HIS A 177 -3.72 3.89 19.02
CA HIS A 177 -3.88 5.24 18.46
C HIS A 177 -2.65 6.09 18.74
N GLY A 178 -2.10 6.73 17.72
CA GLY A 178 -0.93 7.57 17.97
C GLY A 178 -1.33 8.97 18.39
N GLN A 179 -1.84 9.12 19.61
CA GLN A 179 -2.43 10.39 20.00
C GLN A 179 -1.39 11.50 20.05
N GLY A 180 -0.13 11.15 20.32
CA GLY A 180 0.93 12.16 20.28
C GLY A 180 1.08 12.78 18.91
N ILE A 181 0.94 11.98 17.86
CA ILE A 181 1.03 12.52 16.50
C ILE A 181 -0.20 13.35 16.19
N GLN A 182 -1.39 12.86 16.56
CA GLN A 182 -2.63 13.61 16.35
C GLN A 182 -2.55 15.01 16.96
N TYR A 183 -2.14 15.09 18.22
CA TYR A 183 -2.04 16.40 18.87
C TYR A 183 -1.03 17.29 18.18
N CYS A 184 0.07 16.69 17.71
CA CYS A 184 1.14 17.51 17.17
C CYS A 184 0.65 18.24 15.93
N PHE A 185 -0.15 17.58 15.10
CA PHE A 185 -0.55 18.14 13.81
C PHE A 185 -2.03 18.46 13.70
N GLU A 186 -2.78 18.49 14.81
CA GLU A 186 -4.24 18.60 14.64
C GLU A 186 -4.64 19.89 13.94
N GLU A 187 -3.88 20.97 14.10
CA GLU A 187 -4.22 22.24 13.46
C GLU A 187 -3.47 22.48 12.15
N ASP A 188 -2.71 21.52 11.66
CA ASP A 188 -1.80 21.76 10.55
C ASP A 188 -2.31 21.07 9.28
N PRO A 189 -2.79 21.80 8.28
CA PRO A 189 -3.24 21.14 7.06
C PRO A 189 -2.12 20.57 6.22
N SER A 190 -0.85 20.85 6.54
CA SER A 190 0.23 20.31 5.71
C SER A 190 0.56 18.87 6.02
N VAL A 191 0.07 18.32 7.14
CA VAL A 191 0.32 16.95 7.52
C VAL A 191 -1.03 16.25 7.63
N LEU A 192 -1.22 15.17 6.88
CA LEU A 192 -2.42 14.37 6.95
CA LEU A 192 -2.42 14.37 6.95
C LEU A 192 -2.11 13.12 7.79
N TYR A 193 -2.80 12.98 8.92
CA TYR A 193 -2.61 11.82 9.80
C TYR A 193 -3.77 10.84 9.65
N PHE A 194 -3.46 9.57 9.36
CA PHE A 194 -4.44 8.49 9.36
C PHE A 194 -4.05 7.48 10.42
N SER A 195 -5.01 7.06 11.24
CA SER A 195 -4.73 6.00 12.22
C SER A 195 -5.91 5.06 12.30
N TRP A 196 -5.66 3.77 12.17
CA TRP A 196 -6.64 2.80 12.65
C TRP A 196 -6.16 2.26 13.98
N HIS A 197 -7.10 1.81 14.82
CA HIS A 197 -6.65 1.40 16.14
C HIS A 197 -7.76 0.66 16.85
N ARG A 198 -7.38 -0.33 17.63
CA ARG A 198 -8.31 -0.95 18.54
C ARG A 198 -8.82 0.10 19.53
N TYR A 199 -10.14 0.20 19.66
CA TYR A 199 -10.81 1.25 20.43
C TYR A 199 -11.81 0.63 21.39
N GLU A 200 -12.64 -0.27 20.85
CA GLU A 200 -13.66 -0.95 21.62
C GLU A 200 -14.50 0.07 22.43
N HIS A 201 -15.01 1.07 21.72
CA HIS A 201 -15.91 2.07 22.30
C HIS A 201 -15.24 2.79 23.46
N GLN A 202 -13.93 3.06 23.29
CA GLN A 202 -13.08 3.79 24.23
C GLN A 202 -12.67 2.95 25.42
N SER A 203 -13.00 1.66 25.47
CA SER A 203 -12.48 0.89 26.60
C SER A 203 -11.05 0.39 26.39
N PHE A 204 -10.46 0.57 25.21
CA PHE A 204 -9.09 0.11 24.99
C PHE A 204 -8.10 1.26 25.10
N TRP A 205 -7.01 0.99 25.81
CA TRP A 205 -5.93 1.95 26.01
C TRP A 205 -5.57 2.61 24.68
N PRO A 206 -5.32 3.93 24.65
CA PRO A 206 -5.30 4.88 25.79
C PRO A 206 -6.67 5.50 26.21
N ASN A 207 -7.80 4.90 25.83
CA ASN A 207 -9.11 5.27 26.38
C ASN A 207 -9.46 6.75 26.15
N LEU A 208 -9.24 7.25 24.95
CA LEU A 208 -9.43 8.68 24.73
C LEU A 208 -10.64 8.95 23.86
N PRO A 209 -11.52 9.86 24.29
CA PRO A 209 -12.63 10.27 23.41
C PRO A 209 -12.13 10.78 22.07
N GLU A 210 -11.00 11.48 22.03
CA GLU A 210 -10.55 12.08 20.77
C GLU A 210 -9.85 11.07 19.85
N SER A 211 -9.73 9.79 20.24
CA SER A 211 -9.35 8.76 19.28
C SER A 211 -10.52 8.27 18.42
N ASP A 212 -11.73 8.81 18.59
CA ASP A 212 -12.87 8.34 17.82
C ASP A 212 -12.86 8.98 16.43
N TYR A 213 -13.76 8.46 15.57
CA TYR A 213 -13.83 8.94 14.19
C TYR A 213 -14.24 10.40 14.08
N SER A 214 -14.75 11.00 15.15
CA SER A 214 -15.24 12.38 15.05
CA SER A 214 -15.24 12.38 15.05
C SER A 214 -14.12 13.41 15.16
N SER A 215 -12.94 13.02 15.59
CA SER A 215 -11.80 13.94 15.62
C SER A 215 -11.23 14.03 14.22
N VAL A 216 -11.53 15.12 13.53
CA VAL A 216 -11.15 15.33 12.14
C VAL A 216 -10.06 16.38 12.01
N GLY A 217 -9.50 16.84 13.14
CA GLY A 217 -8.58 17.97 13.14
C GLY A 217 -9.29 19.22 13.64
N LYS A 218 -8.51 20.30 13.73
CA LYS A 218 -9.04 21.56 14.28
C LYS A 218 -8.58 22.73 13.43
N GLY A 219 -9.47 23.71 13.26
CA GLY A 219 -9.08 24.97 12.65
C GLY A 219 -8.76 24.78 11.18
N LYS A 220 -7.64 25.37 10.75
CA LYS A 220 -7.20 25.13 9.38
C LYS A 220 -6.86 23.66 9.13
N GLY A 221 -6.69 22.86 10.18
CA GLY A 221 -6.42 21.45 10.02
C GLY A 221 -7.64 20.54 10.00
N SER A 222 -8.86 21.08 9.91
CA SER A 222 -10.04 20.22 9.88
C SER A 222 -10.05 19.38 8.60
N GLY A 223 -10.28 18.07 8.76
CA GLY A 223 -10.21 17.18 7.62
C GLY A 223 -8.88 16.48 7.41
N PHE A 224 -7.81 16.91 8.09
CA PHE A 224 -6.48 16.30 7.91
C PHE A 224 -6.09 15.40 9.07
N ASN A 225 -7.05 15.05 9.92
CA ASN A 225 -6.90 14.00 10.90
C ASN A 225 -8.00 12.98 10.65
N ILE A 226 -7.63 11.71 10.48
CA ILE A 226 -8.58 10.64 10.16
C ILE A 226 -8.34 9.49 11.14
N ASN A 227 -9.31 9.25 12.03
CA ASN A 227 -9.28 8.14 12.98
C ASN A 227 -10.29 7.09 12.58
N LEU A 228 -9.84 5.85 12.45
CA LEU A 228 -10.72 4.71 12.16
C LEU A 228 -10.66 3.74 13.33
N PRO A 229 -11.60 3.84 14.27
CA PRO A 229 -11.57 2.97 15.45
C PRO A 229 -12.08 1.57 15.14
N TRP A 230 -11.39 0.57 15.66
CA TRP A 230 -11.85 -0.82 15.58
C TRP A 230 -12.55 -1.13 16.89
N ASN A 231 -13.85 -1.38 16.82
CA ASN A 231 -14.63 -1.56 18.03
C ASN A 231 -14.85 -3.01 18.39
N LYS A 232 -14.22 -3.95 17.65
CA LYS A 232 -14.10 -5.35 18.04
C LYS A 232 -12.69 -5.83 17.71
N VAL A 233 -12.23 -6.85 18.43
CA VAL A 233 -10.97 -7.50 18.08
C VAL A 233 -11.24 -8.50 16.97
N GLY A 234 -10.20 -9.21 16.52
CA GLY A 234 -10.34 -10.17 15.43
C GLY A 234 -10.43 -9.60 14.03
N MET A 235 -10.06 -8.33 13.81
CA MET A 235 -10.11 -7.79 12.45
C MET A 235 -9.18 -8.57 11.50
N THR A 236 -9.63 -8.74 10.27
CA THR A 236 -8.98 -9.64 9.31
C THR A 236 -8.34 -8.85 8.17
N ASN A 237 -7.69 -9.58 7.26
CA ASN A 237 -7.19 -8.96 6.04
C ASN A 237 -8.28 -8.17 5.35
N SER A 238 -9.49 -8.72 5.30
CA SER A 238 -10.58 -8.03 4.62
C SER A 238 -10.90 -6.67 5.26
N ASP A 239 -10.88 -6.60 6.59
CA ASP A 239 -11.16 -5.34 7.27
C ASP A 239 -10.08 -4.29 6.95
N TYR A 240 -8.81 -4.69 7.04
CA TYR A 240 -7.70 -3.78 6.76
C TYR A 240 -7.76 -3.29 5.32
N LEU A 241 -8.03 -4.17 4.36
CA LEU A 241 -8.07 -3.72 2.97
C LEU A 241 -9.30 -2.85 2.70
N ALA A 242 -10.43 -3.18 3.34
CA ALA A 242 -11.61 -2.29 3.23
C ALA A 242 -11.28 -0.89 3.75
N ALA A 243 -10.58 -0.80 4.88
CA ALA A 243 -10.10 0.48 5.38
C ALA A 243 -9.26 1.21 4.34
N PHE A 244 -8.33 0.50 3.69
CA PHE A 244 -7.46 1.16 2.71
C PHE A 244 -8.25 1.59 1.47
N PHE A 245 -9.05 0.68 0.90
CA PHE A 245 -9.72 1.02 -0.36
C PHE A 245 -10.79 2.10 -0.16
N HIS A 246 -11.49 2.07 0.97
CA HIS A 246 -12.66 2.94 1.12
C HIS A 246 -12.44 4.14 2.02
N VAL A 247 -11.31 4.22 2.75
CA VAL A 247 -11.00 5.42 3.54
C VAL A 247 -9.62 5.98 3.15
N LEU A 248 -8.54 5.23 3.43
CA LEU A 248 -7.19 5.81 3.37
C LEU A 248 -6.80 6.18 1.95
N LEU A 249 -6.86 5.23 1.02
CA LEU A 249 -6.32 5.48 -0.32
C LEU A 249 -7.06 6.58 -1.08
N PRO A 250 -8.39 6.64 -1.10
CA PRO A 250 -9.06 7.78 -1.76
C PRO A 250 -8.58 9.13 -1.25
N VAL A 251 -8.38 9.25 0.07
CA VAL A 251 -7.93 10.52 0.64
C VAL A 251 -6.46 10.77 0.33
N ALA A 252 -5.63 9.72 0.43
CA ALA A 252 -4.20 9.89 0.19
C ALA A 252 -3.91 10.29 -1.25
N TYR A 253 -4.59 9.67 -2.23
CA TYR A 253 -4.34 10.03 -3.62
C TYR A 253 -4.90 11.40 -3.96
N GLU A 254 -5.92 11.87 -3.24
CA GLU A 254 -6.41 13.23 -3.48
C GLU A 254 -5.51 14.27 -2.83
N PHE A 255 -5.09 14.01 -1.58
CA PHE A 255 -4.08 14.81 -0.89
C PHE A 255 -2.81 14.99 -1.72
N ASP A 256 -2.33 13.91 -2.36
CA ASP A 256 -1.12 13.90 -3.18
C ASP A 256 0.09 14.29 -2.33
N PRO A 257 0.49 13.47 -1.35
CA PRO A 257 1.60 13.88 -0.48
C PRO A 257 2.91 13.93 -1.25
N GLU A 258 3.82 14.77 -0.73
CA GLU A 258 5.18 14.84 -1.24
C GLU A 258 6.10 13.89 -0.51
N LEU A 259 5.68 13.36 0.63
CA LEU A 259 6.41 12.33 1.35
C LEU A 259 5.41 11.50 2.15
N VAL A 260 5.66 10.20 2.27
CA VAL A 260 4.85 9.29 3.07
C VAL A 260 5.71 8.77 4.20
N ILE A 261 5.21 8.89 5.43
CA ILE A 261 5.86 8.33 6.60
C ILE A 261 4.91 7.32 7.21
N VAL A 262 5.40 6.13 7.53
CA VAL A 262 4.57 5.09 8.11
C VAL A 262 4.97 4.87 9.56
N SER A 263 4.02 5.08 10.46
CA SER A 263 4.14 4.57 11.83
C SER A 263 3.75 3.12 11.81
N ALA A 264 4.77 2.25 11.73
CA ALA A 264 4.57 0.85 11.41
C ALA A 264 4.69 0.03 12.68
N GLY A 265 3.58 -0.08 13.40
CA GLY A 265 3.46 -1.02 14.49
C GLY A 265 2.80 -2.29 13.96
N PHE A 266 3.41 -3.42 14.27
CA PHE A 266 2.91 -4.70 13.81
C PHE A 266 2.17 -5.42 14.93
N ASP A 267 1.89 -4.72 16.02
CA ASP A 267 0.93 -5.29 16.95
C ASP A 267 -0.48 -5.33 16.37
N SER A 268 -0.67 -4.91 15.13
CA SER A 268 -1.92 -5.07 14.42
C SER A 268 -2.01 -6.42 13.70
N ALA A 269 -1.01 -7.27 13.86
CA ALA A 269 -0.90 -8.54 13.17
C ALA A 269 -1.40 -9.67 14.06
N ILE A 270 -1.85 -10.75 13.41
CA ILE A 270 -2.27 -11.98 14.11
C ILE A 270 -1.23 -12.38 15.15
N GLY A 271 -1.72 -12.91 16.27
CA GLY A 271 -0.86 -13.42 17.31
C GLY A 271 -0.43 -12.41 18.35
N ASP A 272 -0.61 -11.12 18.08
CA ASP A 272 -0.12 -10.12 19.02
C ASP A 272 -1.00 -10.07 20.27
N PRO A 273 -0.41 -10.09 21.47
CA PRO A 273 -1.24 -10.11 22.68
C PRO A 273 -1.86 -8.77 23.00
N GLU A 274 -1.36 -7.67 22.43
CA GLU A 274 -1.99 -6.37 22.62
C GLU A 274 -3.13 -6.12 21.64
N GLY A 275 -2.92 -6.42 20.37
CA GLY A 275 -3.89 -6.10 19.36
C GLY A 275 -5.04 -7.09 19.29
N GLU A 276 -4.72 -8.39 19.37
CA GLU A 276 -5.68 -9.48 19.23
C GLU A 276 -6.40 -9.42 17.89
N MET A 277 -5.75 -8.84 16.87
CA MET A 277 -6.31 -8.88 15.53
C MET A 277 -5.90 -10.19 14.85
N CYS A 278 -6.43 -10.42 13.64
CA CYS A 278 -6.24 -11.66 12.90
C CYS A 278 -5.69 -11.43 11.50
N ALA A 279 -5.16 -10.26 11.20
CA ALA A 279 -4.56 -10.04 9.88
C ALA A 279 -3.21 -10.75 9.81
N LEU A 280 -2.95 -11.34 8.66
CA LEU A 280 -1.76 -12.13 8.46
C LEU A 280 -0.57 -11.24 8.12
N PRO A 281 0.66 -11.68 8.42
CA PRO A 281 1.83 -10.87 8.09
C PRO A 281 1.87 -10.44 6.65
N GLU A 282 1.33 -11.26 5.74
CA GLU A 282 1.32 -10.94 4.33
C GLU A 282 0.54 -9.67 4.00
N ILE A 283 -0.37 -9.24 4.88
CA ILE A 283 -1.16 -8.05 4.56
C ILE A 283 -0.25 -6.81 4.51
N PHE A 284 0.81 -6.79 5.31
CA PHE A 284 1.70 -5.64 5.32
C PHE A 284 2.48 -5.50 4.03
N ALA A 285 2.68 -6.60 3.29
CA ALA A 285 3.24 -6.49 1.95
C ALA A 285 2.34 -5.62 1.08
N HIS A 286 1.03 -5.72 1.28
CA HIS A 286 0.06 -5.02 0.46
C HIS A 286 -0.19 -3.62 0.95
N LEU A 287 -0.28 -3.43 2.29
CA LEU A 287 -0.37 -2.08 2.83
C LEU A 287 0.80 -1.23 2.39
N THR A 288 2.01 -1.81 2.38
CA THR A 288 3.18 -1.10 1.84
C THR A 288 3.02 -0.87 0.34
N HIS A 289 2.62 -1.90 -0.40
CA HIS A 289 2.57 -1.81 -1.86
C HIS A 289 1.54 -0.80 -2.33
N LEU A 290 0.38 -0.74 -1.67
CA LEU A 290 -0.67 0.17 -2.10
C LEU A 290 -0.28 1.63 -1.88
N LEU A 291 0.60 1.91 -0.92
CA LEU A 291 1.07 3.28 -0.69
C LEU A 291 2.33 3.64 -1.49
N MET A 292 3.00 2.68 -2.11
CA MET A 292 4.27 2.99 -2.77
C MET A 292 4.15 3.88 -4.01
N PRO A 293 3.04 3.87 -4.75
CA PRO A 293 2.93 4.84 -5.86
C PRO A 293 2.85 6.30 -5.42
N LEU A 294 2.56 6.59 -4.15
CA LEU A 294 2.46 7.99 -3.74
C LEU A 294 3.84 8.62 -3.64
N ALA A 295 3.90 9.94 -3.82
CA ALA A 295 5.10 10.75 -3.56
C ALA A 295 6.31 10.20 -4.31
N ALA A 296 6.07 9.71 -5.53
CA ALA A 296 7.11 9.11 -6.37
C ALA A 296 7.85 7.99 -5.63
N GLY A 297 7.15 7.30 -4.74
CA GLY A 297 7.76 6.20 -4.00
C GLY A 297 8.50 6.59 -2.74
N LYS A 298 8.52 7.87 -2.38
CA LYS A 298 9.32 8.32 -1.23
C LYS A 298 8.59 7.97 0.07
N MET A 299 8.96 6.83 0.66
CA MET A 299 8.27 6.29 1.81
C MET A 299 9.28 5.95 2.90
N CYS A 300 9.07 6.50 4.08
CA CYS A 300 9.89 6.24 5.26
C CYS A 300 9.08 5.42 6.23
N VAL A 301 9.47 4.16 6.44
CA VAL A 301 8.76 3.28 7.35
C VAL A 301 9.49 3.27 8.69
N VAL A 302 8.77 3.57 9.77
CA VAL A 302 9.39 3.67 11.09
C VAL A 302 8.72 2.69 12.02
N LEU A 303 9.51 1.82 12.66
CA LEU A 303 8.96 0.83 13.56
C LEU A 303 8.36 1.48 14.80
N GLU A 304 7.13 1.07 15.16
CA GLU A 304 6.48 1.46 16.41
C GLU A 304 6.39 0.24 17.30
N GLY A 305 5.20 -0.38 17.45
CA GLY A 305 5.02 -1.54 18.30
C GLY A 305 5.07 -2.86 17.54
N GLY A 306 4.69 -3.94 18.25
CA GLY A 306 4.72 -5.32 17.75
C GLY A 306 5.38 -6.27 18.75
N TYR A 307 4.61 -7.19 19.35
CA TYR A 307 5.05 -7.86 20.57
C TYR A 307 5.06 -9.38 20.49
N ASN A 308 4.51 -9.97 19.45
CA ASN A 308 4.63 -11.40 19.19
C ASN A 308 5.88 -11.55 18.33
N LEU A 309 6.94 -12.09 18.91
CA LEU A 309 8.22 -12.07 18.23
C LEU A 309 8.13 -12.75 16.87
N THR A 310 7.23 -13.72 16.73
CA THR A 310 7.10 -14.45 15.46
C THR A 310 6.39 -13.62 14.39
N SER A 311 5.16 -13.15 14.66
CA SER A 311 4.53 -12.31 13.65
C SER A 311 5.29 -11.01 13.45
N LEU A 312 6.06 -10.57 14.46
CA LEU A 312 6.84 -9.34 14.29
C LEU A 312 7.90 -9.53 13.22
N GLY A 313 8.72 -10.58 13.34
CA GLY A 313 9.72 -10.84 12.32
C GLY A 313 9.14 -11.05 10.93
N GLN A 314 8.02 -11.79 10.83
CA GLN A 314 7.46 -12.05 9.52
C GLN A 314 6.86 -10.79 8.91
N SER A 315 6.25 -9.93 9.73
CA SER A 315 5.64 -8.72 9.18
C SER A 315 6.70 -7.70 8.76
N VAL A 316 7.80 -7.62 9.53
CA VAL A 316 8.92 -6.78 9.10
C VAL A 316 9.46 -7.25 7.75
N CYS A 317 9.60 -8.56 7.57
CA CYS A 317 10.12 -9.09 6.30
C CYS A 317 9.17 -8.79 5.15
N GLN A 318 7.85 -8.95 5.36
CA GLN A 318 6.89 -8.65 4.30
C GLN A 318 6.95 -7.18 3.89
N THR A 319 7.19 -6.28 4.86
CA THR A 319 7.28 -4.86 4.52
C THR A 319 8.53 -4.56 3.70
N VAL A 320 9.69 -5.06 4.14
CA VAL A 320 10.93 -4.76 3.42
C VAL A 320 10.91 -5.39 2.04
N HIS A 321 10.39 -6.62 1.92
CA HIS A 321 10.19 -7.22 0.61
C HIS A 321 9.49 -6.27 -0.34
N SER A 322 8.40 -5.63 0.13
CA SER A 322 7.68 -4.72 -0.75
C SER A 322 8.47 -3.45 -1.02
N LEU A 323 9.16 -2.91 -0.01
CA LEU A 323 10.02 -1.75 -0.25
C LEU A 323 11.08 -2.06 -1.30
N LEU A 324 11.60 -3.29 -1.28
CA LEU A 324 12.59 -3.69 -2.27
C LEU A 324 11.98 -4.01 -3.63
N GLY A 325 10.66 -4.03 -3.75
CA GLY A 325 10.01 -4.33 -5.02
C GLY A 325 9.78 -5.80 -5.31
N ASP A 326 9.95 -6.68 -4.33
CA ASP A 326 9.71 -8.09 -4.57
C ASP A 326 8.22 -8.34 -4.80
N PRO A 327 7.86 -9.43 -5.47
CA PRO A 327 6.45 -9.63 -5.84
C PRO A 327 5.60 -9.91 -4.61
N THR A 328 4.41 -9.32 -4.59
CA THR A 328 3.51 -9.42 -3.44
C THR A 328 2.93 -10.84 -3.33
N PRO A 329 2.68 -11.34 -2.12
CA PRO A 329 2.04 -12.66 -1.99
C PRO A 329 0.55 -12.57 -2.32
N ARG A 330 0.00 -13.67 -2.81
CA ARG A 330 -1.43 -13.71 -3.09
C ARG A 330 -2.22 -13.79 -1.79
N ILE A 331 -3.27 -12.99 -1.66
CA ILE A 331 -4.12 -13.00 -0.47
C ILE A 331 -5.42 -13.70 -0.83
N SER A 332 -5.65 -14.88 -0.25
CA SER A 332 -6.85 -15.64 -0.52
C SER A 332 -7.88 -15.45 0.60
N GLY A 333 -9.11 -15.87 0.34
CA GLY A 333 -10.17 -15.82 1.34
C GLY A 333 -10.69 -14.43 1.69
N LEU A 334 -10.56 -13.45 0.79
CA LEU A 334 -11.02 -12.10 1.08
C LEU A 334 -12.51 -11.97 0.79
N GLY A 335 -13.15 -11.07 1.53
CA GLY A 335 -14.58 -10.89 1.42
C GLY A 335 -15.00 -9.60 2.10
N THR A 336 -16.27 -9.56 2.51
CA THR A 336 -16.77 -8.38 3.21
C THR A 336 -16.00 -8.15 4.50
N ALA A 337 -15.78 -6.88 4.82
CA ALA A 337 -15.38 -6.54 6.18
C ALA A 337 -16.50 -6.94 7.15
N CYS A 338 -16.15 -7.10 8.42
CA CYS A 338 -17.21 -7.44 9.35
C CYS A 338 -18.08 -6.21 9.64
N ASP A 339 -19.24 -6.47 10.26
CA ASP A 339 -20.23 -5.43 10.49
C ASP A 339 -19.69 -4.29 11.34
N SER A 340 -18.99 -4.62 12.43
CA SER A 340 -18.33 -3.58 13.23
C SER A 340 -17.39 -2.72 12.40
N ALA A 341 -16.56 -3.34 11.54
CA ALA A 341 -15.66 -2.56 10.71
C ALA A 341 -16.44 -1.73 9.70
N LEU A 342 -17.49 -2.27 9.11
CA LEU A 342 -18.26 -1.50 8.15
C LEU A 342 -18.92 -0.31 8.81
N GLU A 343 -19.32 -0.45 10.07
CA GLU A 343 -19.86 0.67 10.84
C GLU A 343 -18.80 1.76 11.07
N SER A 344 -17.61 1.37 11.55
CA SER A 344 -16.52 2.35 11.67
C SER A 344 -16.21 3.02 10.34
N ILE A 345 -16.20 2.23 9.25
CA ILE A 345 -15.84 2.78 7.94
C ILE A 345 -16.91 3.77 7.46
N GLN A 346 -18.19 3.40 7.59
CA GLN A 346 -19.24 4.29 7.13
CA GLN A 346 -19.24 4.30 7.12
C GLN A 346 -19.28 5.56 7.96
N ASN A 347 -19.00 5.46 9.27
CA ASN A 347 -19.02 6.62 10.14
C ASN A 347 -17.89 7.59 9.81
N VAL A 348 -16.66 7.09 9.66
CA VAL A 348 -15.57 8.00 9.31
C VAL A 348 -15.81 8.60 7.93
N ARG A 349 -16.30 7.83 6.97
CA ARG A 349 -16.55 8.39 5.64
C ARG A 349 -17.61 9.50 5.71
N ASN A 350 -18.60 9.34 6.60
CA ASN A 350 -19.67 10.33 6.67
C ASN A 350 -19.19 11.65 7.29
N VAL A 351 -18.46 11.57 8.41
CA VAL A 351 -17.95 12.78 9.04
C VAL A 351 -16.84 13.41 8.18
N GLN A 352 -16.14 12.60 7.38
CA GLN A 352 -15.11 13.18 6.54
C GLN A 352 -15.65 13.71 5.22
N SER A 353 -16.95 13.50 4.95
CA SER A 353 -17.53 13.93 3.68
C SER A 353 -17.53 15.44 3.50
N SER A 354 -17.42 16.20 4.59
CA SER A 354 -17.33 17.65 4.49
C SER A 354 -16.01 18.10 3.87
N TYR A 355 -14.99 17.24 3.83
CA TYR A 355 -13.63 17.67 3.52
C TYR A 355 -13.01 17.00 2.29
N TRP A 356 -13.50 15.85 1.86
CA TRP A 356 -12.82 15.09 0.83
C TRP A 356 -13.73 14.81 -0.34
N SER A 357 -13.18 14.98 -1.56
CA SER A 357 -13.94 14.78 -2.79
C SER A 357 -14.52 13.37 -2.88
N SER A 358 -13.70 12.35 -2.60
CA SER A 358 -14.15 10.97 -2.73
C SER A 358 -15.40 10.67 -1.91
N PHE A 359 -15.60 11.39 -0.80
CA PHE A 359 -16.72 11.12 0.10
C PHE A 359 -17.86 12.12 -0.04
N LYS A 360 -17.71 13.15 -0.89
CA LYS A 360 -18.61 14.30 -0.89
C LYS A 360 -20.03 13.96 -1.32
N HIS A 361 -20.18 12.98 -2.22
CA HIS A 361 -21.51 12.54 -2.63
C HIS A 361 -22.34 11.99 -1.46
N LEU A 362 -21.68 11.60 -0.35
CA LEU A 362 -22.44 11.14 0.81
C LEU A 362 -23.19 12.27 1.50
N ALA A 363 -22.85 13.53 1.23
CA ALA A 363 -23.38 14.65 2.00
C ALA A 363 -24.80 15.07 1.63
N GLN A 364 -25.30 14.75 0.44
CA GLN A 364 -26.69 15.08 0.12
C GLN A 364 -27.38 13.91 -0.58
N SER A 365 -28.71 13.87 -0.44
CA SER A 365 -29.49 12.72 -0.90
C SER A 365 -29.54 12.63 -2.42
N GLU A 366 -29.44 13.77 -3.12
CA GLU A 366 -29.34 13.74 -4.57
C GLU A 366 -28.18 12.87 -5.02
N THR A 367 -27.01 13.04 -4.40
CA THR A 367 -25.79 12.33 -4.76
C THR A 367 -25.69 10.95 -4.11
N ASN A 368 -26.21 10.80 -2.88
CA ASN A 368 -26.30 9.53 -2.13
C ASN A 368 -26.63 9.79 -0.67
N ASP A 399 -2.03 -20.60 22.42
CA ASP A 399 -1.08 -19.86 21.59
C ASP A 399 -1.51 -19.89 20.12
N ILE A 400 -1.64 -18.70 19.52
CA ILE A 400 -2.14 -18.60 18.16
C ILE A 400 -1.05 -19.03 17.17
N VAL A 401 -1.46 -19.78 16.15
CA VAL A 401 -0.55 -20.29 15.11
C VAL A 401 -1.18 -20.02 13.76
N TRP A 402 -0.33 -19.83 12.75
CA TRP A 402 -0.76 -19.52 11.39
C TRP A 402 0.34 -19.97 10.44
N PRO A 403 0.03 -20.17 9.16
CA PRO A 403 1.02 -20.73 8.23
C PRO A 403 2.19 -19.78 8.00
N GLU A 404 3.39 -20.36 7.89
CA GLU A 404 4.58 -19.61 7.52
C GLU A 404 4.38 -18.97 6.14
N PRO A 405 4.73 -17.69 5.97
CA PRO A 405 4.62 -17.08 4.64
C PRO A 405 5.55 -17.75 3.62
N LEU A 406 5.10 -17.77 2.37
CA LEU A 406 5.89 -18.29 1.26
C LEU A 406 7.09 -17.40 0.97
N LYS A 407 7.99 -17.90 0.11
CA LYS A 407 9.13 -17.11 -0.35
C LYS A 407 8.65 -16.01 -1.29
N ARG A 408 9.37 -14.88 -1.29
CA ARG A 408 9.07 -13.75 -2.19
C ARG A 408 10.37 -13.39 -2.92
N MET A 409 10.62 -14.08 -4.04
CA MET A 409 11.89 -13.91 -4.73
C MET A 409 11.71 -13.00 -5.95
N PRO A 410 12.53 -11.97 -6.11
CA PRO A 410 12.44 -11.14 -7.32
C PRO A 410 12.78 -11.95 -8.57
N ALA A 411 12.06 -11.67 -9.65
CA ALA A 411 12.33 -12.35 -10.91
C ALA A 411 13.69 -11.91 -11.46
N SER A 412 14.42 -12.86 -12.05
CA SER A 412 15.74 -12.58 -12.63
C SER A 412 15.66 -11.40 -13.60
N VAL A 413 14.79 -11.52 -14.59
CA VAL A 413 14.37 -10.42 -15.44
C VAL A 413 12.94 -10.08 -15.03
N ARG A 414 12.72 -8.90 -14.47
CA ARG A 414 11.38 -8.57 -13.99
C ARG A 414 10.40 -8.48 -15.16
N THR A 415 10.73 -7.70 -16.18
CA THR A 415 9.80 -7.38 -17.27
C THR A 415 10.44 -7.71 -18.61
N VAL A 416 9.71 -8.43 -19.47
CA VAL A 416 10.11 -8.63 -20.85
C VAL A 416 9.20 -7.79 -21.73
N VAL A 417 9.77 -7.27 -22.82
CA VAL A 417 9.10 -6.31 -23.69
C VAL A 417 9.26 -6.74 -25.13
N VAL A 418 8.17 -6.69 -25.90
CA VAL A 418 8.21 -7.07 -27.30
C VAL A 418 7.69 -5.91 -28.14
N PRO A 419 8.53 -4.92 -28.46
CA PRO A 419 8.09 -3.79 -29.29
C PRO A 419 7.89 -4.24 -30.72
N PRO A 420 7.33 -3.39 -31.59
CA PRO A 420 7.24 -3.76 -32.99
C PRO A 420 8.60 -4.05 -33.58
N PRO A 421 8.68 -4.89 -34.61
CA PRO A 421 9.99 -5.30 -35.14
C PRO A 421 10.80 -4.11 -35.62
N GLY A 422 12.05 -4.05 -35.18
CA GLY A 422 12.93 -2.95 -35.54
C GLY A 422 13.11 -1.91 -34.46
N VAL A 423 12.01 -1.59 -33.75
CA VAL A 423 12.04 -0.56 -32.71
C VAL A 423 12.96 -1.01 -31.58
N GLU A 424 14.08 -0.32 -31.42
CA GLU A 424 14.97 -0.51 -30.29
C GLU A 424 14.66 0.56 -29.26
N LEU A 425 14.67 0.17 -27.98
CA LEU A 425 14.38 1.11 -26.91
C LEU A 425 15.37 0.92 -25.78
N THR A 426 15.53 1.98 -24.98
CA THR A 426 16.35 1.94 -23.78
C THR A 426 15.51 1.40 -22.63
N LEU A 427 15.87 0.25 -22.15
CA LEU A 427 15.12 -0.42 -21.10
C LEU A 427 15.75 -0.19 -19.74
N PRO A 428 14.93 -0.07 -18.68
CA PRO A 428 15.47 -0.11 -17.31
C PRO A 428 16.31 -1.35 -17.10
N LYS A 429 17.20 -1.35 -16.10
CA LYS A 429 18.19 -2.41 -15.98
C LYS A 429 17.57 -3.79 -15.80
N ASN A 430 16.31 -3.87 -15.37
CA ASN A 430 15.66 -5.15 -15.10
C ASN A 430 14.60 -5.49 -16.15
N CYS A 431 14.81 -5.07 -17.40
CA CYS A 431 13.93 -5.40 -18.51
C CYS A 431 14.72 -5.93 -19.69
N GLN A 432 14.06 -6.74 -20.51
CA GLN A 432 14.68 -7.35 -21.69
C GLN A 432 13.68 -7.41 -22.83
N HIS A 433 14.22 -7.55 -24.05
CA HIS A 433 13.42 -7.96 -25.20
C HIS A 433 13.13 -9.46 -25.09
N SER A 434 12.16 -9.93 -25.89
CA SER A 434 11.72 -11.33 -25.80
C SER A 434 12.87 -12.34 -25.93
N ASP A 436 12.66 -14.06 -29.26
CA ASP A 436 13.22 -15.34 -29.67
C ASP A 436 12.22 -16.48 -29.55
N ILE A 437 11.36 -16.63 -30.56
CA ILE A 437 10.36 -17.70 -30.56
C ILE A 437 11.05 -19.04 -30.70
N SER A 438 10.69 -19.99 -29.83
CA SER A 438 11.31 -21.31 -29.81
C SER A 438 10.70 -22.22 -30.89
N GLU A 439 11.20 -23.46 -30.95
CA GLU A 439 10.68 -24.41 -31.92
C GLU A 439 9.32 -24.95 -31.48
N SER A 440 9.20 -25.35 -30.21
CA SER A 440 7.91 -25.82 -29.70
C SER A 440 6.85 -24.73 -29.77
N THR A 441 7.23 -23.51 -29.36
CA THR A 441 6.30 -22.39 -29.43
C THR A 441 5.77 -22.22 -30.85
N ALA A 442 6.67 -22.28 -31.84
CA ALA A 442 6.27 -22.14 -33.23
C ALA A 442 5.33 -23.27 -33.66
N LYS A 443 5.59 -24.49 -33.19
CA LYS A 443 4.66 -25.59 -33.45
C LYS A 443 3.29 -25.31 -32.84
N GLU A 444 3.26 -24.71 -31.66
CA GLU A 444 1.98 -24.39 -31.01
C GLU A 444 1.21 -23.33 -31.78
N VAL A 445 1.90 -22.32 -32.32
CA VAL A 445 1.20 -21.31 -33.11
C VAL A 445 0.61 -21.93 -34.37
N GLN A 446 1.37 -22.83 -35.02
CA GLN A 446 0.85 -23.53 -36.19
C GLN A 446 -0.38 -24.36 -35.81
N ARG A 447 -0.29 -25.10 -34.69
CA ARG A 447 -1.43 -25.85 -34.18
C ARG A 447 -2.64 -24.95 -33.97
N ILE A 448 -2.46 -23.87 -33.21
CA ILE A 448 -3.55 -22.95 -32.93
C ILE A 448 -4.06 -22.29 -34.20
N ARG A 449 -3.14 -21.86 -35.08
CA ARG A 449 -3.55 -21.40 -36.40
C ARG A 449 -4.36 -22.48 -37.12
N ASP A 450 -3.90 -23.74 -37.05
CA ASP A 450 -4.61 -24.85 -37.66
C ASP A 450 -5.70 -25.41 -36.77
N LYS A 451 -6.49 -24.53 -36.17
CA LYS A 451 -7.71 -24.99 -35.51
C LYS A 451 -8.73 -23.85 -35.44
N HIS A 452 -8.29 -22.64 -35.08
CA HIS A 452 -9.19 -21.56 -34.71
C HIS A 452 -9.15 -20.35 -35.64
N PHE A 453 -8.05 -20.16 -36.36
CA PHE A 453 -7.89 -19.08 -37.34
C PHE A 453 -7.20 -19.71 -38.54
N HIS A 454 -7.98 -20.45 -39.33
CA HIS A 454 -7.38 -21.22 -40.41
C HIS A 454 -7.02 -20.34 -41.59
N ASP A 455 -7.87 -19.38 -41.90
CA ASP A 455 -7.60 -18.47 -43.01
C ASP A 455 -6.69 -17.31 -42.60
N LEU A 456 -5.69 -17.53 -41.75
CA LEU A 456 -4.78 -16.47 -41.31
C LEU A 456 -3.34 -16.81 -41.68
N THR A 457 -2.70 -15.93 -42.45
CA THR A 457 -1.31 -16.07 -42.81
C THR A 457 -0.48 -14.81 -42.60
N ASP A 458 -1.12 -13.66 -42.32
CA ASP A 458 -0.45 -12.45 -41.88
C ASP A 458 0.65 -12.78 -40.87
N GLN A 459 1.88 -12.98 -41.36
CA GLN A 459 2.97 -13.49 -40.53
C GLN A 459 3.45 -12.49 -39.49
N ASN A 460 2.85 -11.30 -39.40
CA ASN A 460 3.13 -10.40 -38.29
C ASN A 460 2.29 -10.75 -37.07
N ILE A 461 0.99 -10.92 -37.28
CA ILE A 461 0.12 -11.46 -36.23
C ILE A 461 0.69 -12.77 -35.70
N LEU A 462 1.04 -13.69 -36.61
CA LEU A 462 1.58 -14.98 -36.19
C LEU A 462 2.87 -14.82 -35.40
N ARG A 463 3.64 -13.76 -35.66
CA ARG A 463 4.79 -13.46 -34.82
C ARG A 463 4.36 -13.03 -33.43
N SER A 464 3.32 -12.19 -33.35
CA SER A 464 2.87 -11.68 -32.05
C SER A 464 2.30 -12.82 -31.19
N LEU A 465 1.60 -13.77 -31.82
CA LEU A 465 1.09 -14.91 -31.08
C LEU A 465 2.23 -15.78 -30.55
N GLY A 466 3.31 -15.92 -31.33
CA GLY A 466 4.48 -16.57 -30.78
C GLY A 466 5.11 -15.76 -29.66
N ASN A 467 5.04 -14.43 -29.75
CA ASN A 467 5.58 -13.60 -28.68
C ASN A 467 4.76 -13.74 -27.41
N ILE A 468 3.43 -13.71 -27.54
CA ILE A 468 2.55 -13.84 -26.39
C ILE A 468 2.78 -15.17 -25.67
N ILE A 469 2.77 -16.27 -26.43
CA ILE A 469 2.99 -17.58 -25.83
C ILE A 469 4.37 -17.67 -25.19
N SER A 470 5.38 -17.15 -25.88
CA SER A 470 6.74 -17.16 -25.32
C SER A 470 6.80 -16.39 -24.01
N VAL A 471 6.20 -15.19 -23.99
CA VAL A 471 6.22 -14.37 -22.78
C VAL A 471 5.44 -15.06 -21.65
N LEU A 472 4.25 -15.57 -21.96
CA LEU A 472 3.42 -16.19 -20.94
C LEU A 472 4.12 -17.38 -20.31
N ASP A 473 4.72 -18.24 -21.14
CA ASP A 473 5.44 -19.40 -20.61
C ASP A 473 6.59 -18.98 -19.70
N ARG A 474 7.25 -17.86 -20.01
CA ARG A 474 8.31 -17.39 -19.11
C ARG A 474 7.72 -16.82 -17.82
N MET A 475 6.57 -16.14 -17.92
CA MET A 475 5.90 -15.64 -16.72
C MET A 475 5.38 -16.78 -15.85
N MET A 476 4.67 -17.73 -16.46
CA MET A 476 3.95 -18.75 -15.70
C MET A 476 4.87 -19.89 -15.27
N ARG A 477 5.66 -20.44 -16.19
CA ARG A 477 6.47 -21.62 -15.87
C ARG A 477 7.70 -21.24 -15.07
N SER A 478 8.46 -20.26 -15.55
CA SER A 478 9.68 -19.83 -14.88
C SER A 478 9.40 -18.75 -13.84
N ASP A 479 10.25 -18.71 -12.82
CA ASP A 479 10.36 -17.56 -11.93
C ASP A 479 11.46 -16.61 -12.38
N GLU A 480 11.96 -16.82 -13.60
CA GLU A 480 12.95 -15.90 -14.16
C GLU A 480 12.32 -14.57 -14.56
N VAL A 481 11.06 -14.59 -15.01
CA VAL A 481 10.39 -13.40 -15.51
C VAL A 481 9.06 -13.18 -14.80
N CYS A 482 8.82 -11.95 -14.33
CA CYS A 482 7.61 -11.64 -13.57
C CYS A 482 6.44 -11.27 -14.48
N ASN A 483 6.61 -10.27 -15.34
CA ASN A 483 5.51 -9.78 -16.17
C ASN A 483 6.07 -9.38 -17.53
N GLY A 484 5.21 -8.81 -18.37
CA GLY A 484 5.62 -8.52 -19.72
C GLY A 484 4.64 -7.61 -20.43
N CYS A 485 5.10 -7.03 -21.52
CA CYS A 485 4.28 -6.18 -22.37
C CYS A 485 4.58 -6.50 -23.82
N VAL A 486 3.54 -6.79 -24.60
CA VAL A 486 3.66 -7.10 -26.01
C VAL A 486 2.83 -6.11 -26.79
N VAL A 487 3.42 -5.51 -27.82
CA VAL A 487 2.69 -4.66 -28.76
C VAL A 487 2.11 -5.57 -29.84
N VAL A 488 0.84 -5.36 -30.18
CA VAL A 488 0.13 -6.21 -31.12
C VAL A 488 -0.60 -5.32 -32.13
N SER A 489 -1.06 -5.96 -33.20
CA SER A 489 -1.82 -5.29 -34.25
C SER A 489 -3.29 -5.67 -34.23
N ASP A 490 -3.59 -6.95 -34.09
CA ASP A 490 -4.95 -7.49 -34.15
C ASP A 490 -5.35 -7.91 -32.75
N LEU A 491 -6.41 -7.30 -32.23
CA LEU A 491 -6.76 -7.53 -30.83
C LEU A 491 -7.38 -8.91 -30.63
N SER A 492 -8.37 -9.27 -31.44
CA SER A 492 -9.18 -10.44 -31.12
C SER A 492 -8.35 -11.72 -31.10
N VAL A 493 -7.48 -11.90 -32.11
CA VAL A 493 -6.68 -13.12 -32.16
C VAL A 493 -5.65 -13.13 -31.04
N SER A 494 -5.02 -11.98 -30.78
CA SER A 494 -4.05 -11.91 -29.70
C SER A 494 -4.69 -12.13 -28.34
N VAL A 495 -5.85 -11.50 -28.11
CA VAL A 495 -6.55 -11.64 -26.83
C VAL A 495 -6.97 -13.09 -26.60
N GLN A 496 -7.61 -13.68 -27.62
CA GLN A 496 -8.03 -15.08 -27.54
C GLN A 496 -6.87 -16.00 -27.21
N CYS A 497 -5.74 -15.85 -27.91
CA CYS A 497 -4.64 -16.77 -27.67
C CYS A 497 -3.97 -16.52 -26.33
N ALA A 498 -3.86 -15.25 -25.94
CA ALA A 498 -3.35 -14.94 -24.60
C ALA A 498 -4.22 -15.58 -23.53
N LEU A 499 -5.52 -15.30 -23.56
CA LEU A 499 -6.41 -15.78 -22.52
C LEU A 499 -6.47 -17.31 -22.53
N GLN A 500 -6.74 -17.91 -23.69
CA GLN A 500 -6.85 -19.36 -23.76
C GLN A 500 -5.55 -20.05 -23.38
N HIS A 501 -4.40 -19.48 -23.77
CA HIS A 501 -3.15 -20.12 -23.38
C HIS A 501 -2.91 -20.01 -21.88
N ALA A 502 -3.42 -18.96 -21.26
CA ALA A 502 -3.26 -18.80 -19.82
C ALA A 502 -4.15 -19.78 -19.05
N LEU A 503 -5.38 -20.00 -19.53
CA LEU A 503 -6.31 -20.91 -18.84
C LEU A 503 -5.77 -22.34 -18.82
N THR A 504 -5.34 -22.85 -19.97
CA THR A 504 -4.61 -24.11 -19.96
C THR A 504 -3.19 -23.87 -19.43
N GLU A 505 -2.51 -24.96 -19.08
CA GLU A 505 -1.34 -24.90 -18.22
C GLU A 505 -1.70 -24.09 -16.98
N PRO A 506 -2.72 -24.56 -16.20
CA PRO A 506 -3.39 -23.76 -15.15
C PRO A 506 -2.93 -22.35 -14.79
N ALA A 507 -3.79 -21.40 -15.13
CA ALA A 507 -4.00 -20.16 -14.35
C ALA A 507 -5.46 -20.27 -13.92
N GLU A 508 -5.69 -20.59 -12.64
CA GLU A 508 -7.04 -20.90 -12.18
C GLU A 508 -8.00 -19.77 -12.50
N ARG A 509 -7.57 -18.52 -12.30
CA ARG A 509 -8.41 -17.35 -12.54
C ARG A 509 -7.60 -16.28 -13.25
N VAL A 510 -8.26 -15.52 -14.11
CA VAL A 510 -7.62 -14.50 -14.91
C VAL A 510 -8.44 -13.23 -14.80
N LEU A 511 -7.81 -12.14 -14.36
CA LEU A 511 -8.44 -10.83 -14.37
C LEU A 511 -8.04 -10.12 -15.66
N VAL A 512 -9.04 -9.66 -16.41
CA VAL A 512 -8.81 -8.93 -17.66
C VAL A 512 -9.18 -7.47 -17.43
N VAL A 513 -8.32 -6.56 -17.86
CA VAL A 513 -8.55 -5.13 -17.71
C VAL A 513 -8.40 -4.53 -19.10
N TYR A 514 -9.52 -4.07 -19.67
CA TYR A 514 -9.58 -3.68 -21.05
C TYR A 514 -9.95 -2.21 -21.13
N VAL A 515 -9.11 -1.41 -21.78
CA VAL A 515 -9.42 -0.03 -22.06
C VAL A 515 -9.68 0.07 -23.56
N GLY A 516 -10.93 0.27 -23.91
CA GLY A 516 -11.37 0.27 -25.29
C GLY A 516 -12.86 -0.03 -25.35
N ASP A 517 -13.39 0.07 -26.56
CA ASP A 517 -14.80 -0.21 -26.80
C ASP A 517 -14.95 -1.52 -27.56
N GLY A 518 -16.19 -1.94 -27.73
CA GLY A 518 -16.47 -3.20 -28.38
C GLY A 518 -16.39 -4.36 -27.43
N GLU A 519 -16.68 -5.54 -27.97
CA GLU A 519 -16.69 -6.78 -27.20
C GLU A 519 -15.48 -7.63 -27.59
N LEU A 520 -14.88 -8.28 -26.62
CA LEU A 520 -13.71 -9.10 -26.85
C LEU A 520 -14.08 -10.57 -26.82
N PRO A 521 -13.28 -11.43 -27.43
CA PRO A 521 -13.53 -12.87 -27.32
C PRO A 521 -13.22 -13.39 -25.92
N VAL A 522 -13.94 -12.88 -24.92
CA VAL A 522 -13.70 -13.21 -23.51
C VAL A 522 -15.05 -13.59 -22.89
N LYS A 523 -15.20 -14.85 -22.52
CA LYS A 523 -16.44 -15.36 -21.92
C LYS A 523 -16.29 -15.39 -20.40
N THR A 524 -17.21 -14.71 -19.70
CA THR A 524 -17.18 -14.61 -18.25
C THR A 524 -18.29 -15.41 -17.57
N ASN A 525 -18.71 -16.52 -18.18
CA ASN A 525 -19.81 -17.33 -17.66
C ASN A 525 -19.31 -18.65 -17.07
N ASP A 526 -18.21 -18.61 -16.35
CA ASP A 526 -17.71 -19.81 -15.69
C ASP A 526 -16.96 -19.53 -14.40
N GLY A 527 -16.78 -18.27 -14.00
CA GLY A 527 -16.08 -17.94 -12.78
C GLY A 527 -14.58 -17.96 -12.86
N LYS A 528 -13.99 -18.19 -14.04
CA LYS A 528 -12.54 -18.17 -14.11
C LYS A 528 -12.00 -16.86 -14.66
N VAL A 529 -12.85 -16.01 -15.21
CA VAL A 529 -12.46 -14.73 -15.78
C VAL A 529 -13.35 -13.65 -15.17
N PHE A 530 -12.73 -12.59 -14.67
CA PHE A 530 -13.43 -11.35 -14.38
C PHE A 530 -12.92 -10.29 -15.34
N LEU A 531 -13.85 -9.55 -15.95
CA LEU A 531 -13.51 -8.55 -16.95
C LEU A 531 -13.82 -7.15 -16.43
N VAL A 532 -12.80 -6.31 -16.36
CA VAL A 532 -12.97 -4.87 -16.15
C VAL A 532 -12.82 -4.18 -17.50
N GLN A 533 -13.82 -3.42 -17.90
CA GLN A 533 -13.77 -2.70 -19.16
C GLN A 533 -14.00 -1.22 -18.87
N ILE A 534 -13.09 -0.38 -19.33
CA ILE A 534 -13.23 1.07 -19.25
C ILE A 534 -13.45 1.56 -20.67
N CYS A 535 -14.64 2.09 -20.93
CA CYS A 535 -15.08 2.37 -22.29
C CYS A 535 -15.70 3.77 -22.37
N THR A 536 -16.11 4.13 -23.58
CA THR A 536 -16.72 5.42 -23.85
C THR A 536 -18.23 5.35 -24.03
N LYS A 537 -18.75 4.21 -24.51
CA LYS A 537 -20.19 4.03 -24.69
C LYS A 537 -20.79 3.41 -23.43
N GLU A 538 -21.93 3.95 -22.99
CA GLU A 538 -22.60 3.47 -21.79
C GLU A 538 -23.41 2.22 -22.13
N THR A 539 -22.97 1.07 -21.63
CA THR A 539 -23.60 -0.21 -21.95
C THR A 539 -23.92 -0.94 -20.66
N GLU A 540 -25.20 -1.26 -20.46
CA GLU A 540 -25.59 -2.05 -19.30
C GLU A 540 -24.94 -3.42 -19.37
N ASP A 541 -24.36 -3.86 -18.26
CA ASP A 541 -23.86 -5.22 -18.11
C ASP A 541 -24.78 -6.00 -17.18
N LYS A 542 -24.88 -7.30 -17.43
CA LYS A 542 -25.95 -8.10 -16.82
C LYS A 542 -25.51 -9.01 -15.70
N CYS A 543 -24.23 -9.39 -15.64
CA CYS A 543 -23.81 -10.39 -14.67
C CYS A 543 -22.65 -9.85 -13.83
N VAL A 544 -22.32 -10.58 -12.77
CA VAL A 544 -21.50 -10.06 -11.69
C VAL A 544 -20.03 -10.42 -11.90
N ASN A 545 -19.69 -10.91 -13.09
CA ASN A 545 -18.28 -11.17 -13.37
C ASN A 545 -17.73 -10.17 -14.37
N ARG A 546 -18.36 -9.01 -14.46
CA ARG A 546 -17.98 -7.98 -15.40
C ARG A 546 -18.30 -6.64 -14.76
N LEU A 547 -17.33 -5.73 -14.82
CA LEU A 547 -17.46 -4.36 -14.33
C LEU A 547 -17.16 -3.43 -15.50
N THR A 548 -18.17 -2.67 -15.92
CA THR A 548 -18.05 -1.79 -17.08
C THR A 548 -18.16 -0.35 -16.61
N LEU A 549 -17.15 0.46 -16.95
CA LEU A 549 -17.03 1.84 -16.49
C LEU A 549 -17.04 2.73 -17.71
N CYS A 550 -18.15 3.46 -17.91
CA CYS A 550 -18.26 4.46 -18.96
C CYS A 550 -18.05 5.81 -18.28
N LEU A 551 -16.86 6.38 -18.45
CA LEU A 551 -16.52 7.65 -17.84
C LEU A 551 -16.70 8.77 -18.86
N ARG A 552 -17.44 9.79 -18.48
CA ARG A 552 -17.70 10.91 -19.37
C ARG A 552 -16.39 11.61 -19.75
N GLU A 553 -16.32 12.07 -20.99
CA GLU A 553 -15.14 12.78 -21.48
C GLU A 553 -14.99 14.12 -20.77
N GLY A 554 -13.75 14.57 -20.63
CA GLY A 554 -13.51 15.87 -20.04
C GLY A 554 -12.29 15.88 -19.14
N GLU A 555 -12.13 16.98 -18.41
CA GLU A 555 -10.97 17.18 -17.56
C GLU A 555 -11.07 16.41 -16.25
N SER A 556 -12.28 16.19 -15.76
CA SER A 556 -12.49 15.42 -14.53
C SER A 556 -12.30 13.92 -14.73
N LEU A 557 -11.88 13.49 -15.92
CA LEU A 557 -11.80 12.06 -16.17
C LEU A 557 -10.69 11.40 -15.37
N THR A 558 -9.61 12.13 -15.09
CA THR A 558 -8.53 11.54 -14.30
C THR A 558 -8.98 11.26 -12.87
N ALA A 559 -9.64 12.22 -12.23
CA ALA A 559 -10.15 11.99 -10.89
C ALA A 559 -11.17 10.85 -10.87
N GLY A 560 -11.98 10.75 -11.92
CA GLY A 560 -13.00 9.71 -11.95
C GLY A 560 -12.39 8.32 -12.02
N PHE A 561 -11.39 8.14 -12.89
CA PHE A 561 -10.77 6.84 -12.99
C PHE A 561 -10.09 6.42 -11.69
N MET A 562 -9.38 7.35 -11.06
CA MET A 562 -8.74 7.04 -9.78
C MET A 562 -9.77 6.61 -8.75
N GLN A 563 -10.94 7.26 -8.73
CA GLN A 563 -11.97 6.87 -7.78
C GLN A 563 -12.49 5.46 -8.10
N ALA A 564 -12.73 5.18 -9.39
CA ALA A 564 -13.11 3.82 -9.80
C ALA A 564 -12.04 2.81 -9.43
N LEU A 565 -10.76 3.17 -9.60
CA LEU A 565 -9.70 2.19 -9.40
C LEU A 565 -9.61 1.76 -7.94
N LEU A 566 -9.60 2.73 -7.02
CA LEU A 566 -9.46 2.44 -5.59
C LEU A 566 -10.74 1.89 -4.99
N GLY A 567 -11.91 2.35 -5.44
CA GLY A 567 -13.16 2.02 -4.77
C GLY A 567 -13.94 0.89 -5.41
N LEU A 568 -13.62 0.54 -6.66
CA LEU A 568 -14.29 -0.54 -7.37
C LEU A 568 -13.31 -1.59 -7.90
N ILE A 569 -12.35 -1.20 -8.73
CA ILE A 569 -11.50 -2.19 -9.41
C ILE A 569 -10.67 -2.97 -8.40
N LEU A 570 -9.96 -2.26 -7.53
CA LEU A 570 -9.08 -2.95 -6.59
C LEU A 570 -9.84 -3.85 -5.61
N PRO A 571 -10.95 -3.40 -4.98
CA PRO A 571 -11.70 -4.34 -4.12
C PRO A 571 -12.12 -5.62 -4.84
N VAL A 572 -12.65 -5.52 -6.04
CA VAL A 572 -13.10 -6.73 -6.75
C VAL A 572 -11.89 -7.59 -7.13
N ALA A 573 -10.85 -6.97 -7.69
CA ALA A 573 -9.68 -7.75 -8.12
C ALA A 573 -9.08 -8.50 -6.93
N TYR A 574 -8.93 -7.83 -5.80
CA TYR A 574 -8.38 -8.46 -4.62
C TYR A 574 -9.22 -9.64 -4.15
N GLU A 575 -10.55 -9.47 -4.15
CA GLU A 575 -11.38 -10.60 -3.75
C GLU A 575 -11.33 -11.74 -4.76
N PHE A 576 -11.35 -11.40 -6.06
CA PHE A 576 -11.24 -12.41 -7.11
C PHE A 576 -9.96 -13.23 -7.00
N ASN A 577 -8.84 -12.58 -6.65
CA ASN A 577 -7.53 -13.22 -6.46
C ASN A 577 -7.10 -13.95 -7.73
N PRO A 578 -6.83 -13.25 -8.83
CA PRO A 578 -6.45 -13.93 -10.07
C PRO A 578 -5.06 -14.51 -9.96
N ALA A 579 -4.78 -15.49 -10.84
CA ALA A 579 -3.44 -16.03 -10.97
C ALA A 579 -2.64 -15.30 -12.05
N LEU A 580 -3.32 -14.59 -12.94
CA LEU A 580 -2.71 -13.77 -13.98
C LEU A 580 -3.60 -12.57 -14.22
N VAL A 581 -2.98 -11.45 -14.55
CA VAL A 581 -3.70 -10.25 -14.98
C VAL A 581 -3.37 -9.99 -16.44
N LEU A 582 -4.39 -9.72 -17.25
CA LEU A 582 -4.22 -9.47 -18.67
C LEU A 582 -4.70 -8.05 -18.96
N GLY A 583 -3.77 -7.16 -19.28
CA GLY A 583 -4.10 -5.78 -19.64
C GLY A 583 -4.19 -5.63 -21.15
N ILE A 584 -5.15 -4.83 -21.59
CA ILE A 584 -5.46 -4.67 -23.01
C ILE A 584 -5.86 -3.23 -23.24
N VAL A 585 -5.22 -2.58 -24.20
CA VAL A 585 -5.52 -1.20 -24.56
C VAL A 585 -5.71 -1.14 -26.06
N GLU A 586 -6.90 -0.75 -26.49
CA GLU A 586 -7.13 -0.64 -27.92
C GLU A 586 -6.54 0.67 -28.44
N GLU A 587 -6.22 0.69 -29.74
CA GLU A 587 -5.42 1.78 -30.30
C GLU A 587 -6.14 3.12 -30.18
N THR A 588 -7.46 3.13 -30.36
CA THR A 588 -8.20 4.39 -30.30
C THR A 588 -8.04 5.09 -28.95
N ALA A 589 -7.85 4.32 -27.87
CA ALA A 589 -7.81 4.87 -26.52
C ALA A 589 -6.42 5.24 -26.04
N ALA A 590 -5.37 4.86 -26.78
CA ALA A 590 -3.97 5.04 -26.36
C ALA A 590 -3.55 6.51 -26.24
N LYS A 591 -4.38 7.47 -26.61
CA LYS A 591 -4.06 8.89 -26.46
C LYS A 591 -5.27 9.64 -25.88
N THR A 592 -5.83 9.08 -24.80
CA THR A 592 -6.87 9.74 -24.04
C THR A 592 -6.32 10.14 -22.67
N ARG A 593 -7.03 11.06 -22.00
CA ARG A 593 -6.64 11.44 -20.66
C ARG A 593 -6.62 10.25 -19.71
N LEU A 594 -7.37 9.19 -20.04
CA LEU A 594 -7.43 8.01 -19.21
C LEU A 594 -6.08 7.32 -19.06
N MET A 595 -5.11 7.62 -19.92
CA MET A 595 -3.82 6.98 -19.80
C MET A 595 -2.78 7.87 -19.10
N ARG A 596 -3.23 8.98 -18.53
CA ARG A 596 -2.44 9.67 -17.51
C ARG A 596 -2.35 8.86 -16.22
N VAL A 597 -3.27 7.92 -16.03
CA VAL A 597 -3.33 7.09 -14.84
C VAL A 597 -2.88 5.66 -15.10
N TRP A 598 -2.56 5.32 -16.35
CA TRP A 598 -2.18 3.95 -16.68
C TRP A 598 -1.03 3.47 -15.81
N GLY A 599 -0.07 4.36 -15.49
CA GLY A 599 1.04 3.96 -14.65
C GLY A 599 0.59 3.60 -13.24
N HIS A 600 -0.33 4.38 -12.68
CA HIS A 600 -0.81 4.10 -11.33
C HIS A 600 -1.58 2.79 -11.30
N MET A 601 -2.40 2.54 -12.30
CA MET A 601 -3.13 1.27 -12.31
C MET A 601 -2.15 0.10 -12.43
N THR A 602 -1.18 0.21 -13.32
CA THR A 602 -0.27 -0.90 -13.55
C THR A 602 0.53 -1.22 -12.29
N CYS A 603 0.93 -0.19 -11.53
CA CYS A 603 1.63 -0.43 -10.27
C CYS A 603 0.71 -1.06 -9.23
N LEU A 604 -0.49 -0.50 -9.06
CA LEU A 604 -1.41 -1.00 -8.04
C LEU A 604 -1.90 -2.41 -8.37
N ILE A 605 -2.23 -2.66 -9.64
CA ILE A 605 -2.71 -3.97 -10.04
C ILE A 605 -1.65 -5.07 -9.88
N GLN A 606 -0.37 -4.70 -9.74
CA GLN A 606 0.63 -5.74 -9.44
C GLN A 606 0.56 -6.25 -8.01
N GLY A 607 -0.35 -5.72 -7.18
CA GLY A 607 -0.65 -6.41 -5.93
C GLY A 607 -1.34 -7.76 -6.15
N LEU A 608 -1.87 -7.98 -7.34
CA LEU A 608 -2.56 -9.22 -7.68
C LEU A 608 -1.65 -10.17 -8.46
N ALA A 609 -1.92 -11.47 -8.32
CA ALA A 609 -1.27 -12.52 -9.10
C ALA A 609 0.26 -12.51 -8.93
N ARG A 610 0.74 -12.12 -7.75
CA ARG A 610 2.18 -11.96 -7.49
C ARG A 610 2.89 -11.15 -8.58
N GLY A 611 2.22 -10.15 -9.11
CA GLY A 611 2.80 -9.26 -10.09
C GLY A 611 2.77 -9.76 -11.51
N ARG A 612 2.19 -10.94 -11.75
CA ARG A 612 2.18 -11.59 -13.06
CA ARG A 612 2.18 -11.59 -13.06
C ARG A 612 1.12 -10.91 -13.93
N MET A 613 1.54 -9.92 -14.72
CA MET A 613 0.64 -9.19 -15.60
C MET A 613 1.19 -9.15 -17.02
N LEU A 614 0.36 -9.53 -17.99
CA LEU A 614 0.70 -9.41 -19.40
C LEU A 614 -0.14 -8.31 -20.00
N THR A 615 0.49 -7.31 -20.60
CA THR A 615 -0.20 -6.18 -21.21
C THR A 615 -0.08 -6.24 -22.72
N LEU A 616 -1.21 -6.15 -23.41
CA LEU A 616 -1.27 -6.08 -24.87
C LEU A 616 -1.61 -4.64 -25.26
N LEU A 617 -0.66 -3.97 -25.90
CA LEU A 617 -0.89 -2.63 -26.44
C LEU A 617 -1.12 -2.77 -27.94
N GLN A 618 -2.27 -2.29 -28.41
CA GLN A 618 -2.61 -2.32 -29.83
C GLN A 618 -2.06 -1.07 -30.50
N GLY A 619 -1.11 -1.25 -31.40
CA GLY A 619 -0.45 -0.13 -32.05
C GLY A 619 0.70 0.42 -31.22
N TYR A 620 1.68 0.98 -31.93
CA TYR A 620 2.86 1.53 -31.26
C TYR A 620 2.58 2.96 -30.81
N ASP A 621 2.64 3.19 -29.51
CA ASP A 621 2.74 4.53 -28.93
C ASP A 621 3.98 4.52 -28.07
N LYS A 622 4.98 5.33 -28.46
CA LYS A 622 6.28 5.31 -27.79
C LYS A 622 6.12 5.58 -26.29
N ASP A 623 5.34 6.59 -25.93
CA ASP A 623 5.21 6.98 -24.53
C ASP A 623 4.47 5.92 -23.73
N LEU A 624 3.29 5.50 -24.21
CA LEU A 624 2.49 4.51 -23.49
C LEU A 624 3.29 3.23 -23.26
N LEU A 625 4.07 2.82 -24.26
CA LEU A 625 4.91 1.63 -24.07
C LEU A 625 6.03 1.91 -23.08
N GLU A 626 6.57 3.13 -23.09
CA GLU A 626 7.58 3.49 -22.09
C GLU A 626 6.97 3.50 -20.69
N LEU A 627 5.79 4.10 -20.55
CA LEU A 627 5.14 4.18 -19.25
C LEU A 627 4.74 2.80 -18.73
N THR A 628 4.18 1.97 -19.62
CA THR A 628 3.79 0.61 -19.23
C THR A 628 4.99 -0.19 -18.75
N VAL A 629 6.07 -0.22 -19.53
CA VAL A 629 7.26 -0.95 -19.13
C VAL A 629 7.81 -0.40 -17.81
N SER A 630 7.81 0.93 -17.67
CA SER A 630 8.33 1.55 -16.46
C SER A 630 7.56 1.07 -15.24
N ALA A 631 6.22 1.13 -15.29
CA ALA A 631 5.42 0.69 -14.16
C ALA A 631 5.53 -0.81 -13.95
N LEU A 632 5.53 -1.60 -15.04
CA LEU A 632 5.69 -3.04 -14.89
C LEU A 632 6.99 -3.39 -14.20
N SER A 633 8.06 -2.62 -14.46
CA SER A 633 9.37 -2.95 -13.92
C SER A 633 9.54 -2.50 -12.48
N GLY A 634 8.55 -1.82 -11.92
CA GLY A 634 8.65 -1.36 -10.54
C GLY A 634 9.26 0.01 -10.37
N ALA A 635 9.51 0.74 -11.45
CA ALA A 635 10.02 2.09 -11.33
C ALA A 635 9.04 2.96 -10.55
N SER A 636 9.57 4.03 -9.97
CA SER A 636 8.73 5.09 -9.42
C SER A 636 7.93 5.74 -10.55
N ILE A 637 6.75 6.24 -10.24
CA ILE A 637 5.93 6.91 -11.24
C ILE A 637 5.62 8.32 -10.75
N SER A 638 5.44 9.23 -11.71
CA SER A 638 5.21 10.62 -11.38
C SER A 638 3.86 10.79 -10.68
N PRO A 639 3.76 11.71 -9.72
CA PRO A 639 2.48 11.96 -9.07
C PRO A 639 1.47 12.52 -10.05
N LEU A 640 0.20 12.44 -9.68
CA LEU A 640 -0.86 13.00 -10.52
C LEU A 640 -1.09 14.48 -10.24
N GLY A 641 -0.60 14.98 -9.11
N GLY A 641 -0.62 15.00 -9.10
CA GLY A 641 -0.91 16.32 -8.68
CA GLY A 641 -0.89 16.36 -8.72
C GLY A 641 -2.40 16.50 -8.46
C GLY A 641 -2.28 16.51 -8.12
N PRO A 642 -2.92 17.69 -8.81
N PRO A 642 -2.38 17.11 -6.91
CA PRO A 642 -4.33 18.01 -8.66
CA PRO A 642 -3.52 17.11 -5.98
C PRO A 642 -5.17 17.60 -9.88
C PRO A 642 -4.89 16.96 -6.64
N ARG A 644 -8.16 16.85 -8.18
CA ARG A 644 -9.41 17.60 -8.09
C ARG A 644 -10.62 16.69 -7.84
N ALA A 645 -11.78 17.06 -8.40
CA ALA A 645 -13.02 16.37 -8.10
C ALA A 645 -13.66 15.81 -9.37
N PRO A 646 -14.31 14.64 -9.27
CA PRO A 646 -14.89 14.00 -10.45
C PRO A 646 -16.35 14.37 -10.67
N LYS A 647 -16.80 14.17 -11.91
CA LYS A 647 -18.16 14.52 -12.30
C LYS A 647 -19.18 13.74 -11.46
N PRO A 648 -20.26 14.40 -11.02
CA PRO A 648 -21.30 13.65 -10.28
C PRO A 648 -21.99 12.59 -11.11
N GLU A 649 -22.07 12.77 -12.42
CA GLU A 649 -22.58 11.70 -13.27
C GLU A 649 -21.71 10.46 -13.15
N ASP A 650 -20.38 10.64 -13.06
CA ASP A 650 -19.48 9.50 -12.90
C ASP A 650 -19.61 8.87 -11.52
N VAL A 651 -19.75 9.69 -10.47
CA VAL A 651 -19.90 9.14 -9.13
C VAL A 651 -21.17 8.31 -9.04
N GLU A 652 -22.27 8.79 -9.64
CA GLU A 652 -23.51 8.02 -9.67
C GLU A 652 -23.31 6.71 -10.43
N MET A 653 -22.62 6.75 -11.57
CA MET A 653 -22.35 5.53 -12.34
C MET A 653 -21.57 4.53 -11.50
N MET A 654 -20.53 5.01 -10.79
CA MET A 654 -19.72 4.11 -9.98
C MET A 654 -20.49 3.54 -8.80
N GLU A 655 -21.32 4.35 -8.13
CA GLU A 655 -22.06 3.81 -7.00
C GLU A 655 -23.16 2.84 -7.46
N LYS A 656 -23.71 3.04 -8.65
CA LYS A 656 -24.63 2.06 -9.22
C LYS A 656 -23.92 0.73 -9.48
N GLN A 657 -22.66 0.79 -9.94
CA GLN A 657 -21.88 -0.43 -10.09
C GLN A 657 -21.64 -1.09 -8.73
N ARG A 658 -21.33 -0.30 -7.69
CA ARG A 658 -21.14 -0.88 -6.37
C ARG A 658 -22.41 -1.58 -5.88
N GLN A 659 -23.57 -0.93 -6.05
CA GLN A 659 -24.82 -1.54 -5.65
C GLN A 659 -25.03 -2.87 -6.35
N ARG A 660 -24.75 -2.91 -7.66
CA ARG A 660 -24.97 -4.09 -8.48
C ARG A 660 -24.02 -5.23 -8.12
N LEU A 661 -22.83 -4.92 -7.58
CA LEU A 661 -21.78 -5.92 -7.43
C LEU A 661 -21.45 -6.30 -6.00
N GLN A 662 -21.84 -5.50 -5.01
CA GLN A 662 -21.32 -5.70 -3.67
C GLN A 662 -21.94 -6.90 -2.96
N GLU A 663 -23.11 -7.38 -3.41
CA GLU A 663 -23.65 -8.61 -2.84
C GLU A 663 -22.79 -9.80 -3.22
N ARG A 664 -22.26 -9.82 -4.44
CA ARG A 664 -21.34 -10.89 -4.83
C ARG A 664 -19.94 -10.65 -4.31
N TRP A 665 -19.46 -9.40 -4.36
CA TRP A 665 -18.07 -9.06 -4.02
C TRP A 665 -18.12 -8.15 -2.79
N GLY A 666 -18.07 -8.77 -1.60
CA GLY A 666 -18.31 -8.03 -0.37
C GLY A 666 -17.24 -7.01 -0.04
N LEU A 667 -16.01 -7.23 -0.52
CA LEU A 667 -14.95 -6.24 -0.30
C LEU A 667 -15.30 -4.89 -0.90
N LEU A 668 -16.32 -4.81 -1.76
CA LEU A 668 -16.80 -3.53 -2.26
C LEU A 668 -17.57 -2.73 -1.22
N ARG A 669 -18.01 -3.37 -0.13
CA ARG A 669 -18.94 -2.69 0.78
C ARG A 669 -18.22 -1.65 1.62
N CYS A 670 -18.85 -0.48 1.74
CA CYS A 670 -18.37 0.53 2.66
C CYS A 670 -19.52 1.11 3.50
N THR A 671 -20.58 0.33 3.70
CA THR A 671 -21.67 0.60 4.64
C THR A 671 -22.11 -0.73 5.24
N VAL A 672 -22.79 -0.68 6.38
CA VAL A 672 -23.40 -1.90 6.91
C VAL A 672 -24.58 -2.29 6.04
N SER A 673 -24.75 -3.60 5.82
CA SER A 673 -25.85 -4.05 4.97
C SER A 673 -27.20 -3.88 5.65
N GLU A 674 -28.23 -3.79 4.81
CA GLU A 674 -29.61 -3.78 5.28
C GLU A 674 -30.02 -5.19 5.73
N SER A 675 -30.39 -5.34 7.00
CA SER A 675 -31.04 -6.57 7.43
C SER A 675 -32.46 -6.61 6.90
N TRP A 676 -32.91 -7.80 6.50
CA TRP A 676 -34.28 -7.92 5.99
C TRP A 676 -35.23 -7.86 7.18
O1 SHH B . 1.85 1.53 19.67
O2 SHH B . 2.35 -0.49 21.33
N1 SHH B . 1.87 1.66 21.04
C1 SHH B . 2.16 0.54 21.88
C2 SHH B . 2.17 0.76 23.39
C3 SHH B . 1.27 -0.15 24.24
C4 SHH B . 0.54 0.59 25.36
C5 SHH B . 0.51 -0.15 26.69
C6 SHH B . -0.72 -1.03 26.87
C7 SHH B . -1.62 -0.60 28.04
C8 SHH B . -1.90 -1.71 29.05
O3 SHH B . -2.66 -1.49 29.93
N2 SHH B . -1.24 -3.02 28.90
C9 SHH B . -1.38 -4.20 29.76
C10 SHH B . -1.34 -5.48 29.18
C11 SHH B . -1.44 -6.63 29.97
C12 SHH B . -1.57 -6.50 31.35
C13 SHH B . -1.60 -5.24 31.94
C14 SHH B . -1.50 -4.09 31.14
C1 PEG C . 16.88 -0.35 -7.19
O1 PEG C . 17.40 -0.45 -8.50
C2 PEG C . 15.43 0.04 -7.17
O2 PEG C . 15.15 0.79 -5.98
C3 PEG C . 13.87 0.51 -5.43
C4 PEG C . 13.91 -0.70 -4.56
O4 PEG C . 14.62 -0.50 -3.36
ZN ZN D . 0.95 -0.36 19.41
K K E . -2.58 3.39 14.76
K K F . -2.89 17.85 10.30
P PO4 G . -17.85 4.59 18.50
O1 PO4 G . -18.92 3.99 17.62
O2 PO4 G . -17.79 3.93 19.85
O3 PO4 G . -16.53 4.40 17.73
O4 PO4 G . -18.09 6.06 18.72
P PO4 H . -20.15 -2.56 17.13
O1 PO4 H . -20.43 -3.85 16.39
O2 PO4 H . -18.93 -1.90 16.53
O3 PO4 H . -19.94 -2.80 18.60
O4 PO4 H . -21.34 -1.65 16.96
P PO4 I . 12.54 -15.19 1.27
O1 PO4 I . 13.44 -16.39 1.47
O2 PO4 I . 11.38 -15.24 2.23
O3 PO4 I . 12.03 -15.16 -0.16
O4 PO4 I . 13.36 -13.94 1.53
P PO4 J . 22.49 10.51 5.43
O1 PO4 J . 23.01 9.22 4.86
O2 PO4 J . 21.38 10.21 6.41
O3 PO4 J . 21.91 11.40 4.34
O4 PO4 J . 23.63 11.21 6.13
NA NA K . 2.97 3.09 35.87
#